data_1OAZ
#
_entry.id   1OAZ
#
_cell.length_a   79.352
_cell.length_b   79.467
_cell.length_c   170.763
_cell.angle_alpha   90.00
_cell.angle_beta   90.00
_cell.angle_gamma   90.00
#
_symmetry.space_group_name_H-M   'P 21 21 21'
#
loop_
_entity.id
_entity.type
_entity.pdbx_description
1 polymer 'THIOREDOXIN 1'
2 polymer 'IMMUNOGLOBULIN E'
3 polymer 'IMMUNOGLOBULIN E'
4 water water
#
loop_
_entity_poly.entity_id
_entity_poly.type
_entity_poly.pdbx_seq_one_letter_code
_entity_poly.pdbx_strand_id
1 'polypeptide(L)'
;MSDKIIHLTDDSFDTDVLKADGAILVDFWAEWCGPIEESDDRRYDLVGPCKMIAPILDEIADEYQGKLTVAKLNIDQNPG
TAPKYGIRGIPTLLLFKNGEVAATKVGALSKGQLKEFLDANLA
;
A,B
2 'polypeptide(L)'
;EVQLQQSGAELVKPGASVKLSCKASGYTFTSYWMHWVKQRPGRGLEWIGRIDPNGGGTKYNEKFKSKATLTVDKPSSTAY
MQLSSLTSEDSAVYYCARMWYYGTYYFDYWGQGTTLTVSSAA
;
H,J
3 'polypeptide(L)'
;QAVVTQESALTTSPGETVTLTCRSSTGAVTTSNYANWVQEKPDHLFTGLIGGTNNRAPGVPARFSGSLIGNKAALTITGA
QTEDEAIYFCALWYSNHLVFGGGTKLTVLT
;
L,N
#
# COMPACT_ATOMS: atom_id res chain seq x y z
N SER A 2 22.86 -7.31 1.83
CA SER A 2 24.31 -7.44 2.20
C SER A 2 24.85 -6.10 2.66
N ASP A 3 24.66 -5.08 1.84
CA ASP A 3 25.06 -3.71 2.18
C ASP A 3 23.98 -2.99 2.97
N LYS A 4 22.77 -3.55 2.99
CA LYS A 4 21.66 -3.01 3.78
C LYS A 4 21.64 -3.56 5.21
N ILE A 5 22.54 -4.52 5.49
CA ILE A 5 22.59 -5.18 6.79
C ILE A 5 23.29 -4.29 7.81
N ILE A 6 22.64 -4.06 8.95
CA ILE A 6 23.23 -3.30 10.06
C ILE A 6 23.59 -4.26 11.18
N HIS A 7 24.88 -4.61 11.27
CA HIS A 7 25.38 -5.41 12.39
C HIS A 7 25.30 -4.57 13.67
N LEU A 8 24.84 -5.19 14.76
CA LEU A 8 24.62 -4.49 16.01
C LEU A 8 25.42 -5.09 17.17
N THR A 9 25.39 -4.40 18.31
CA THR A 9 25.97 -4.89 19.55
C THR A 9 24.93 -4.83 20.67
N ASP A 10 25.34 -5.20 21.89
CA ASP A 10 24.43 -5.23 23.04
C ASP A 10 24.05 -3.82 23.50
N ASP A 11 25.05 -2.98 23.71
CA ASP A 11 24.84 -1.60 24.16
C ASP A 11 24.40 -0.67 23.03
N SER A 12 24.59 -1.11 21.79
CA SER A 12 24.22 -0.32 20.61
C SER A 12 22.85 -0.71 20.05
N PHE A 13 21.96 -1.17 20.93
CA PHE A 13 20.62 -1.60 20.53
C PHE A 13 19.60 -0.49 20.66
N ASP A 14 19.78 0.37 21.67
CA ASP A 14 18.87 1.52 21.88
C ASP A 14 19.07 2.61 20.82
N THR A 15 20.25 2.63 20.21
CA THR A 15 20.59 3.66 19.22
C THR A 15 20.22 3.23 17.80
N ASP A 16 20.48 1.96 17.47
CA ASP A 16 20.30 1.45 16.11
C ASP A 16 18.84 1.19 15.76
N VAL A 17 18.20 0.30 16.52
CA VAL A 17 16.89 -0.25 16.15
C VAL A 17 15.72 0.37 16.92
N LEU A 18 15.84 0.46 18.24
CA LEU A 18 14.78 0.99 19.10
C LEU A 18 14.28 2.35 18.64
N LYS A 19 15.16 3.35 18.68
CA LYS A 19 14.84 4.70 18.19
C LYS A 19 15.11 4.76 16.69
N ALA A 20 14.03 4.72 15.89
CA ALA A 20 14.15 4.68 14.43
C ALA A 20 12.93 5.30 13.73
N ASP A 21 12.95 5.27 12.40
CA ASP A 21 11.87 5.83 11.58
C ASP A 21 10.92 4.72 11.11
N GLY A 22 9.80 4.58 11.81
CA GLY A 22 8.77 3.62 11.43
C GLY A 22 9.12 2.18 11.77
N ALA A 23 9.25 1.34 10.74
CA ALA A 23 9.45 -0.09 10.90
C ALA A 23 10.93 -0.48 10.89
N ILE A 24 11.29 -1.39 11.78
CA ILE A 24 12.65 -1.94 11.89
C ILE A 24 12.54 -3.40 12.31
N LEU A 25 13.23 -4.30 11.62
CA LEU A 25 13.18 -5.73 11.95
C LEU A 25 14.51 -6.18 12.57
N VAL A 26 14.53 -7.40 13.08
CA VAL A 26 15.74 -8.00 13.67
C VAL A 26 15.83 -9.49 13.36
N ASP A 27 16.71 -9.84 12.43
CA ASP A 27 17.01 -11.24 12.15
C ASP A 27 18.02 -11.74 13.18
N PHE A 28 17.57 -12.60 14.09
CA PHE A 28 18.43 -13.16 15.12
C PHE A 28 19.09 -14.44 14.60
N TRP A 29 20.13 -14.26 13.78
CA TRP A 29 20.91 -15.38 13.24
C TRP A 29 22.07 -15.70 14.17
N ALA A 30 22.84 -16.73 13.84
CA ALA A 30 24.10 -17.02 14.52
C ALA A 30 25.02 -17.99 13.74
N GLU A 31 24.72 -18.18 12.46
CA GLU A 31 25.42 -19.14 11.57
C GLU A 31 25.15 -20.62 11.89
N TRP A 32 24.62 -20.92 13.07
CA TRP A 32 23.98 -22.21 13.31
C TRP A 32 22.49 -22.05 12.99
N CYS A 33 22.21 -21.77 11.69
CA CYS A 33 20.85 -21.42 11.21
C CYS A 33 19.83 -22.49 11.62
N GLY A 34 18.97 -22.13 12.56
CA GLY A 34 17.97 -23.02 13.13
C GLY A 34 18.13 -23.09 14.66
N PRO A 35 19.02 -23.97 15.14
CA PRO A 35 19.31 -24.30 16.62
C PRO A 35 18.74 -23.43 17.70
N ILE A 36 18.59 -24.05 18.88
CA ILE A 36 17.96 -23.51 20.11
C ILE A 36 18.94 -22.88 21.10
N GLU A 37 18.43 -22.44 22.26
CA GLU A 37 19.23 -21.71 23.24
C GLU A 37 19.51 -22.47 24.54
N GLU A 38 18.46 -22.74 25.32
CA GLU A 38 18.59 -23.22 26.71
C GLU A 38 19.67 -24.30 26.88
N SER A 39 19.42 -25.48 26.35
CA SER A 39 20.42 -26.54 26.30
C SER A 39 21.12 -26.43 24.96
N ASP A 40 22.40 -25.95 25.02
CA ASP A 40 23.23 -25.77 23.81
C ASP A 40 23.87 -27.09 23.52
N ASP A 41 23.05 -28.11 23.67
CA ASP A 41 23.50 -29.47 23.49
C ASP A 41 22.81 -30.09 22.30
N ARG A 42 21.64 -29.53 21.98
CA ARG A 42 20.80 -30.05 20.83
C ARG A 42 20.62 -29.02 19.72
N ARG A 43 21.51 -29.09 18.79
CA ARG A 43 21.63 -28.11 17.77
C ARG A 43 22.21 -28.77 16.56
N TYR A 44 22.20 -27.97 15.52
CA TYR A 44 22.43 -28.54 14.23
C TYR A 44 23.04 -28.00 13.25
N ASP A 45 24.28 -28.06 12.72
CA ASP A 45 24.80 -27.09 11.78
C ASP A 45 24.56 -27.50 10.35
N LEU A 46 24.17 -28.76 10.18
CA LEU A 46 23.91 -29.38 8.89
C LEU A 46 22.83 -28.69 8.05
N VAL A 47 21.63 -28.74 8.55
CA VAL A 47 20.48 -28.18 7.83
C VAL A 47 20.85 -27.10 6.75
N GLY A 48 20.07 -27.01 5.67
CA GLY A 48 20.36 -26.02 4.60
C GLY A 48 19.11 -25.22 4.15
N PRO A 49 18.30 -24.82 5.14
CA PRO A 49 17.20 -23.89 4.84
C PRO A 49 17.71 -22.46 5.10
N CYS A 50 18.93 -22.29 5.58
CA CYS A 50 19.48 -20.93 5.71
C CYS A 50 18.93 -20.11 4.57
N LYS A 51 18.29 -19.06 5.06
CA LYS A 51 17.42 -18.04 4.40
C LYS A 51 18.12 -16.72 4.12
N MET A 52 19.19 -16.54 3.33
CA MET A 52 19.76 -15.16 3.44
C MET A 52 18.90 -14.10 2.76
N ILE A 53 17.69 -14.48 2.41
CA ILE A 53 16.72 -13.68 1.67
C ILE A 53 16.61 -12.19 2.11
N ALA A 54 17.20 -11.84 3.25
CA ALA A 54 17.16 -10.49 3.79
C ALA A 54 17.82 -9.43 2.89
N PRO A 55 18.91 -9.79 2.20
CA PRO A 55 19.46 -8.96 1.12
C PRO A 55 18.57 -8.85 -0.14
N ILE A 56 17.30 -9.24 -0.06
CA ILE A 56 16.39 -9.24 -1.20
C ILE A 56 15.05 -8.54 -0.88
N LEU A 57 14.50 -8.79 0.32
CA LEU A 57 13.23 -8.17 0.74
C LEU A 57 13.46 -6.75 1.23
N ASP A 58 14.68 -6.47 1.69
CA ASP A 58 15.10 -5.10 2.02
C ASP A 58 15.09 -4.22 0.77
N GLU A 59 15.48 -4.81 -0.36
CA GLU A 59 15.55 -4.10 -1.63
C GLU A 59 14.13 -3.91 -2.20
N ILE A 60 13.24 -4.84 -1.85
CA ILE A 60 11.83 -4.76 -2.24
C ILE A 60 11.14 -3.62 -1.47
N LEU A 68 11.46 -0.81 3.84
CA LEU A 68 11.86 -0.56 5.22
C LEU A 68 13.30 -1.08 5.46
N THR A 69 13.74 -1.05 6.72
CA THR A 69 15.10 -1.44 7.08
C THR A 69 15.10 -2.69 7.97
N VAL A 70 16.10 -3.55 7.77
CA VAL A 70 16.27 -4.78 8.56
C VAL A 70 17.68 -4.84 9.15
N ALA A 71 17.75 -5.15 10.45
CA ALA A 71 19.02 -5.28 11.17
C ALA A 71 19.43 -6.75 11.27
N LYS A 72 20.49 -7.02 12.02
CA LYS A 72 21.08 -8.35 12.07
C LYS A 72 22.02 -8.55 13.27
N LEU A 73 21.76 -9.58 14.07
CA LEU A 73 22.51 -9.86 15.29
C LEU A 73 23.04 -11.31 15.37
N ASN A 74 24.07 -11.50 16.18
CA ASN A 74 24.66 -12.82 16.42
C ASN A 74 24.78 -13.06 17.93
N ILE A 75 24.05 -14.06 18.44
CA ILE A 75 23.96 -14.29 19.89
C ILE A 75 25.16 -15.01 20.53
N ASP A 76 25.98 -15.67 19.73
CA ASP A 76 27.24 -16.25 20.23
C ASP A 76 28.26 -15.15 20.59
N GLN A 77 28.18 -14.02 19.90
CA GLN A 77 29.03 -12.86 20.17
C GLN A 77 28.28 -11.74 20.89
N ASN A 78 26.98 -11.95 21.12
CA ASN A 78 26.15 -11.00 21.85
C ASN A 78 25.12 -11.72 22.72
N PRO A 79 25.57 -12.38 23.80
CA PRO A 79 24.66 -13.09 24.70
C PRO A 79 23.87 -12.18 25.66
N GLY A 80 23.94 -10.88 25.48
CA GLY A 80 23.22 -9.93 26.33
C GLY A 80 21.87 -9.49 25.75
N THR A 81 21.75 -9.51 24.42
CA THR A 81 20.58 -8.96 23.74
C THR A 81 19.37 -9.90 23.80
N ALA A 82 19.59 -11.16 23.43
CA ALA A 82 18.49 -12.13 23.31
C ALA A 82 17.73 -12.42 24.60
N PRO A 83 18.45 -12.62 25.72
CA PRO A 83 17.78 -12.85 27.02
C PRO A 83 16.81 -11.76 27.48
N LYS A 84 17.00 -10.51 27.03
CA LYS A 84 16.13 -9.40 27.43
C LYS A 84 14.70 -9.56 26.93
N TYR A 85 14.55 -10.07 25.71
CA TYR A 85 13.25 -10.20 25.05
C TYR A 85 12.68 -11.63 25.10
N GLY A 86 13.36 -12.51 25.84
CA GLY A 86 12.89 -13.88 26.01
C GLY A 86 12.97 -14.73 24.74
N ILE A 87 13.99 -14.47 23.91
CA ILE A 87 14.23 -15.27 22.72
C ILE A 87 14.80 -16.62 23.14
N ARG A 88 13.92 -17.63 23.22
CA ARG A 88 14.30 -18.97 23.67
C ARG A 88 14.87 -19.82 22.54
N GLY A 89 14.76 -19.33 21.31
CA GLY A 89 15.32 -20.01 20.16
C GLY A 89 15.39 -19.12 18.92
N ILE A 90 16.33 -19.44 18.03
CA ILE A 90 16.51 -18.68 16.79
C ILE A 90 16.12 -19.58 15.61
N PRO A 91 15.96 -19.04 14.41
CA PRO A 91 15.90 -17.60 14.14
C PRO A 91 14.53 -17.01 14.44
N THR A 92 14.49 -15.98 15.29
CA THR A 92 13.25 -15.29 15.61
C THR A 92 13.27 -13.88 15.02
N LEU A 93 12.29 -13.60 14.15
CA LEU A 93 12.17 -12.29 13.53
C LEU A 93 11.30 -11.37 14.37
N LEU A 94 11.95 -10.53 15.19
CA LEU A 94 11.26 -9.58 16.06
C LEU A 94 11.07 -8.25 15.34
N LEU A 95 9.82 -7.82 15.21
CA LEU A 95 9.47 -6.58 14.49
C LEU A 95 9.41 -5.40 15.46
N PHE A 96 10.35 -4.47 15.32
CA PHE A 96 10.39 -3.27 16.14
C PHE A 96 9.64 -2.08 15.52
N LYS A 97 8.39 -1.89 15.93
CA LYS A 97 7.59 -0.73 15.52
C LYS A 97 7.49 0.28 16.67
N ASN A 98 8.06 1.46 16.47
CA ASN A 98 8.09 2.54 17.48
C ASN A 98 8.76 2.12 18.78
N GLY A 99 9.89 1.43 18.67
CA GLY A 99 10.66 1.00 19.84
C GLY A 99 9.95 -0.05 20.69
N GLU A 100 9.07 -0.83 20.07
CA GLU A 100 8.34 -1.90 20.74
C GLU A 100 8.24 -3.10 19.80
N VAL A 101 7.46 -4.12 20.16
CA VAL A 101 7.32 -5.31 19.30
C VAL A 101 5.86 -5.56 18.91
N ALA A 102 5.62 -5.63 17.61
CA ALA A 102 4.28 -5.86 17.06
C ALA A 102 3.97 -7.36 16.98
N ALA A 103 4.80 -8.08 16.24
CA ALA A 103 4.61 -9.52 16.03
C ALA A 103 5.93 -10.28 15.90
N THR A 104 5.92 -11.55 16.28
CA THR A 104 7.08 -12.42 16.18
C THR A 104 6.82 -13.59 15.23
N LYS A 105 7.89 -14.13 14.65
CA LYS A 105 7.79 -15.16 13.63
C LYS A 105 8.88 -16.22 13.83
N VAL A 106 8.50 -17.36 14.40
CA VAL A 106 9.46 -18.42 14.73
C VAL A 106 9.38 -19.58 13.73
N GLY A 107 10.53 -20.17 13.43
CA GLY A 107 10.63 -21.26 12.47
C GLY A 107 10.66 -20.73 11.05
N ALA A 108 11.81 -20.88 10.38
CA ALA A 108 12.08 -20.23 9.09
C ALA A 108 11.03 -20.45 8.01
N LEU A 109 11.03 -19.55 7.04
CA LEU A 109 10.01 -19.52 5.99
C LEU A 109 10.57 -19.00 4.67
N SER A 110 9.87 -19.28 3.57
CA SER A 110 10.32 -18.88 2.23
C SER A 110 10.11 -17.39 1.99
N LYS A 111 10.38 -16.93 0.77
CA LYS A 111 10.20 -15.53 0.41
C LYS A 111 8.73 -15.14 0.27
N GLY A 112 7.90 -16.10 -0.12
CA GLY A 112 6.46 -15.89 -0.23
C GLY A 112 5.74 -15.82 1.12
N GLN A 113 6.34 -16.44 2.14
CA GLN A 113 5.74 -16.45 3.48
C GLN A 113 6.25 -15.31 4.35
N LEU A 114 7.46 -14.81 4.07
CA LEU A 114 8.02 -13.67 4.75
C LEU A 114 7.34 -12.38 4.27
N LYS A 115 6.84 -12.43 3.04
CA LYS A 115 6.00 -11.35 2.51
C LYS A 115 4.63 -11.38 3.17
N GLU A 116 4.08 -12.58 3.37
CA GLU A 116 2.78 -12.75 4.03
C GLU A 116 2.76 -12.19 5.46
N PHE A 117 3.89 -12.31 6.16
CA PHE A 117 4.00 -11.85 7.54
C PHE A 117 4.15 -10.32 7.60
N LEU A 118 5.00 -9.78 6.73
CA LEU A 118 5.24 -8.35 6.68
C LEU A 118 4.00 -7.59 6.23
N ASP A 119 3.43 -8.00 5.10
CA ASP A 119 2.28 -7.32 4.50
C ASP A 119 0.99 -7.35 5.34
N ALA A 120 0.98 -8.15 6.41
CA ALA A 120 -0.11 -8.15 7.38
C ALA A 120 0.29 -7.39 8.65
N ASN A 121 1.18 -6.40 8.50
CA ASN A 121 1.72 -5.67 9.65
C ASN A 121 2.19 -4.22 9.36
N LEU A 122 2.57 -3.93 8.10
CA LEU A 122 3.05 -2.60 7.74
C LEU A 122 1.89 -1.76 7.22
N ALA A 123 1.24 -2.26 6.16
CA ALA A 123 0.12 -1.56 5.54
C ALA A 123 -0.79 -2.55 4.80
N SER B 2 -4.87 1.96 -23.39
CA SER B 2 -5.48 1.85 -24.75
C SER B 2 -6.36 0.61 -24.83
N ASP B 3 -5.79 -0.54 -24.49
CA ASP B 3 -6.53 -1.80 -24.44
C ASP B 3 -7.24 -1.99 -23.10
N LYS B 4 -6.86 -1.18 -22.10
CA LYS B 4 -7.50 -1.21 -20.79
C LYS B 4 -8.72 -0.28 -20.72
N ILE B 5 -8.94 0.48 -21.80
CA ILE B 5 -10.02 1.46 -21.85
C ILE B 5 -11.35 0.76 -22.14
N ILE B 6 -12.35 1.01 -21.28
CA ILE B 6 -13.70 0.51 -21.48
C ILE B 6 -14.60 1.64 -21.96
N HIS B 7 -14.89 1.68 -23.26
CA HIS B 7 -15.85 2.63 -23.81
C HIS B 7 -17.25 2.25 -23.34
N LEU B 8 -18.03 3.25 -22.91
CA LEU B 8 -19.35 3.01 -22.35
C LEU B 8 -20.45 3.73 -23.12
N THR B 9 -21.69 3.45 -22.75
CA THR B 9 -22.87 4.14 -23.27
C THR B 9 -23.73 4.65 -22.10
N ASP B 10 -24.88 5.25 -22.42
CA ASP B 10 -25.77 5.81 -21.40
C ASP B 10 -26.46 4.71 -20.58
N ASP B 11 -27.08 3.76 -21.27
CA ASP B 11 -27.80 2.66 -20.63
C ASP B 11 -26.87 1.57 -20.10
N SER B 12 -25.62 1.56 -20.58
CA SER B 12 -24.62 0.57 -20.18
C SER B 12 -23.72 1.08 -19.05
N PHE B 13 -24.26 1.97 -18.21
CA PHE B 13 -23.49 2.56 -17.12
C PHE B 13 -23.69 1.79 -15.81
N ASP B 14 -24.88 1.25 -15.60
CA ASP B 14 -25.18 0.45 -14.41
C ASP B 14 -24.49 -0.92 -14.44
N THR B 15 -24.16 -1.39 -15.63
CA THR B 15 -23.55 -2.72 -15.82
C THR B 15 -22.02 -2.65 -15.76
N ASP B 16 -21.45 -1.63 -16.41
CA ASP B 16 -20.00 -1.51 -16.55
C ASP B 16 -19.30 -1.03 -15.28
N VAL B 17 -19.66 0.17 -14.82
CA VAL B 17 -18.90 0.88 -13.79
C VAL B 17 -19.54 0.79 -12.40
N LEU B 18 -20.84 1.04 -12.31
CA LEU B 18 -21.56 1.06 -11.03
C LEU B 18 -21.35 -0.23 -10.24
N LYS B 19 -21.81 -1.35 -10.79
CA LYS B 19 -21.61 -2.67 -10.18
C LYS B 19 -20.26 -3.23 -10.62
N ALA B 20 -19.26 -3.12 -9.74
CA ALA B 20 -17.90 -3.55 -10.06
C ALA B 20 -17.14 -4.06 -8.83
N ASP B 21 -15.88 -4.44 -9.04
CA ASP B 21 -15.02 -4.95 -7.97
C ASP B 21 -14.10 -3.86 -7.43
N GLY B 22 -14.49 -3.26 -6.30
CA GLY B 22 -13.68 -2.25 -5.64
C GLY B 22 -13.73 -0.90 -6.33
N ALA B 23 -12.57 -0.44 -6.82
CA ALA B 23 -12.43 0.89 -7.38
C ALA B 23 -12.62 0.91 -8.91
N ILE B 24 -13.31 1.94 -9.39
CA ILE B 24 -13.56 2.17 -10.81
C ILE B 24 -13.60 3.67 -11.05
N LEU B 25 -12.83 4.16 -12.03
CA LEU B 25 -12.77 5.59 -12.32
C LEU B 25 -13.55 5.92 -13.60
N VAL B 26 -13.73 7.21 -13.87
CA VAL B 26 -14.46 7.67 -15.05
C VAL B 26 -13.82 8.93 -15.61
N ASP B 27 -13.09 8.79 -16.71
CA ASP B 27 -12.53 9.94 -17.41
C ASP B 27 -13.56 10.46 -18.40
N PHE B 28 -14.13 11.64 -18.11
CA PHE B 28 -15.12 12.26 -18.98
C PHE B 28 -14.43 13.13 -20.02
N TRP B 29 -13.90 12.50 -21.06
CA TRP B 29 -13.28 13.20 -22.18
C TRP B 29 -14.32 13.49 -23.25
N ALA B 30 -13.90 14.20 -24.30
CA ALA B 30 -14.75 14.38 -25.49
C ALA B 30 -13.98 14.84 -26.74
N GLU B 31 -12.65 14.72 -26.70
CA GLU B 31 -11.73 15.21 -27.75
C GLU B 31 -11.62 16.74 -27.85
N TRP B 32 -12.56 17.47 -27.23
CA TRP B 32 -12.34 18.88 -26.94
C TRP B 32 -11.77 18.97 -25.52
N CYS B 33 -10.60 18.37 -25.34
CA CYS B 33 -9.92 18.24 -24.04
C CYS B 33 -9.87 19.56 -23.30
N GLY B 34 -10.79 19.61 -22.32
CA GLY B 34 -10.96 20.73 -21.41
C GLY B 34 -12.31 21.45 -21.40
N PRO B 35 -12.91 21.66 -22.56
CA PRO B 35 -14.10 22.53 -22.60
C PRO B 35 -15.25 22.39 -21.54
N ILE B 36 -16.11 23.39 -21.55
CA ILE B 36 -17.24 23.48 -20.63
C ILE B 36 -18.54 22.95 -21.27
N GLU B 37 -19.62 22.96 -20.48
CA GLU B 37 -20.90 22.37 -20.90
C GLU B 37 -22.01 23.40 -21.17
N GLU B 38 -22.45 24.09 -20.12
CA GLU B 38 -23.68 24.92 -20.18
C GLU B 38 -23.79 25.75 -21.46
N SER B 39 -22.95 26.77 -21.60
CA SER B 39 -22.83 27.52 -22.83
C SER B 39 -21.73 26.84 -23.65
N ASP B 40 -22.14 26.19 -24.76
CA ASP B 40 -21.19 25.46 -25.60
C ASP B 40 -20.45 26.38 -26.60
N ASP B 41 -20.78 27.68 -26.55
CA ASP B 41 -19.95 28.70 -27.17
C ASP B 41 -18.61 28.82 -26.44
N ARG B 42 -18.27 28.72 -25.54
CA ARG B 42 -16.89 29.07 -25.04
C ARG B 42 -16.03 27.83 -24.74
N ARG B 43 -15.33 27.42 -25.74
CA ARG B 43 -14.63 26.20 -25.72
C ARG B 43 -13.44 26.32 -26.61
N TYR B 44 -12.65 25.28 -26.54
CA TYR B 44 -11.33 25.39 -27.09
C TYR B 44 -10.66 24.46 -27.66
N ASP B 45 -10.40 24.09 -28.94
CA ASP B 45 -9.85 22.78 -29.29
C ASP B 45 -8.35 22.82 -29.37
N LEU B 46 -7.79 24.02 -29.36
CA LEU B 46 -6.37 24.29 -29.47
C LEU B 46 -5.53 23.65 -28.37
N VAL B 47 -5.73 24.10 -27.17
CA VAL B 47 -4.95 23.64 -26.02
C VAL B 47 -4.27 22.25 -26.23
N GLY B 48 -3.11 22.01 -25.61
CA GLY B 48 -2.40 20.72 -25.75
C GLY B 48 -1.90 20.13 -24.42
N PRO B 49 -2.84 20.14 -23.46
CA PRO B 49 -2.47 19.55 -22.12
C PRO B 49 -2.91 18.10 -22.10
N CYS B 50 -3.58 17.78 -23.17
CA CYS B 50 -4.36 16.58 -23.41
C CYS B 50 -3.98 15.22 -22.92
N LYS B 51 -4.20 15.05 -21.69
CA LYS B 51 -4.20 13.73 -21.16
C LYS B 51 -4.45 12.61 -22.22
N MET B 52 -3.87 11.53 -21.82
CA MET B 52 -3.77 10.24 -22.45
C MET B 52 -2.64 9.58 -21.66
N ILE B 53 -2.74 9.78 -20.36
CA ILE B 53 -1.82 9.20 -19.37
C ILE B 53 -2.58 8.02 -18.74
N ALA B 54 -3.87 7.89 -19.05
CA ALA B 54 -4.71 6.81 -18.53
C ALA B 54 -4.28 5.42 -19.00
N PRO B 55 -3.80 5.29 -20.24
CA PRO B 55 -3.12 4.05 -20.67
C PRO B 55 -1.78 3.76 -19.98
N ILE B 56 -1.47 4.47 -18.90
CA ILE B 56 -0.19 4.32 -18.18
C ILE B 56 -0.41 4.09 -16.67
N LEU B 57 -1.37 4.78 -16.06
CA LEU B 57 -1.65 4.62 -14.62
C LEU B 57 -2.50 3.36 -14.37
N ASP B 58 -3.25 2.92 -15.39
CA ASP B 58 -3.98 1.66 -15.34
C ASP B 58 -3.00 0.49 -15.26
N GLU B 59 -1.87 0.64 -15.96
CA GLU B 59 -0.84 -0.39 -16.01
C GLU B 59 -0.04 -0.40 -14.70
N ILE B 60 0.03 0.77 -14.05
CA ILE B 60 0.68 0.91 -12.75
C ILE B 60 -0.15 0.20 -11.67
N LEU B 68 -5.91 -0.83 -10.56
CA LEU B 68 -7.35 -0.81 -10.69
C LEU B 68 -7.78 -0.58 -12.15
N THR B 69 -9.08 -0.37 -12.37
CA THR B 69 -9.63 -0.21 -13.72
C THR B 69 -10.16 1.22 -13.94
N VAL B 70 -10.02 1.72 -15.16
CA VAL B 70 -10.50 3.05 -15.54
C VAL B 70 -11.34 2.98 -16.82
N ALA B 71 -12.50 3.63 -16.81
CA ALA B 71 -13.40 3.68 -17.96
C ALA B 71 -13.22 4.97 -18.75
N LYS B 72 -14.07 5.19 -19.75
CA LYS B 72 -13.88 6.30 -20.69
C LYS B 72 -15.16 6.63 -21.49
N LEU B 73 -15.68 7.84 -21.32
CA LEU B 73 -16.92 8.29 -21.96
C LEU B 73 -16.72 9.51 -22.86
N ASN B 74 -17.66 9.74 -23.77
CA ASN B 74 -17.68 10.93 -24.63
C ASN B 74 -19.08 11.55 -24.61
N ILE B 75 -19.18 12.78 -24.11
CA ILE B 75 -20.49 13.42 -23.88
C ILE B 75 -21.18 14.01 -25.12
N ASP B 76 -20.44 14.22 -26.20
CA ASP B 76 -21.04 14.59 -27.48
C ASP B 76 -21.84 13.43 -28.08
N GLN B 77 -21.41 12.20 -27.79
CA GLN B 77 -22.10 10.99 -28.24
C GLN B 77 -22.94 10.36 -27.12
N ASN B 78 -22.86 10.93 -25.91
CA ASN B 78 -23.62 10.46 -24.76
C ASN B 78 -24.04 11.64 -23.87
N PRO B 79 -25.00 12.43 -24.33
CA PRO B 79 -25.50 13.57 -23.54
C PRO B 79 -26.47 13.18 -22.40
N GLY B 80 -26.61 11.89 -22.13
CA GLY B 80 -27.49 11.42 -21.06
C GLY B 80 -26.77 11.13 -19.75
N THR B 81 -25.48 10.79 -19.83
CA THR B 81 -24.72 10.35 -18.65
C THR B 81 -24.29 11.50 -17.76
N ALA B 82 -23.70 12.53 -18.35
CA ALA B 82 -23.11 13.64 -17.59
C ALA B 82 -24.13 14.44 -16.76
N PRO B 83 -25.28 14.79 -17.33
CA PRO B 83 -26.33 15.53 -16.59
C PRO B 83 -26.82 14.87 -15.30
N LYS B 84 -26.73 13.54 -15.20
CA LYS B 84 -27.20 12.81 -14.01
C LYS B 84 -26.39 13.13 -12.76
N TYR B 85 -25.08 13.30 -12.93
CA TYR B 85 -24.16 13.52 -11.82
C TYR B 85 -23.74 14.99 -11.67
N GLY B 86 -24.38 15.88 -12.43
CA GLY B 86 -24.11 17.31 -12.35
C GLY B 86 -22.72 17.71 -12.83
N ILE B 87 -22.21 17.00 -13.83
CA ILE B 87 -20.93 17.33 -14.45
C ILE B 87 -21.11 18.58 -15.31
N ARG B 88 -20.77 19.74 -14.75
CA ARG B 88 -20.95 21.03 -15.42
C ARG B 88 -19.80 21.36 -16.35
N GLY B 89 -18.75 20.55 -16.33
CA GLY B 89 -17.61 20.72 -17.22
C GLY B 89 -16.66 19.54 -17.18
N ILE B 90 -15.93 19.36 -18.28
CA ILE B 90 -14.95 18.27 -18.41
C ILE B 90 -13.54 18.87 -18.42
N PRO B 91 -12.49 18.06 -18.28
CA PRO B 91 -12.57 16.65 -17.88
C PRO B 91 -12.71 16.51 -16.36
N THR B 92 -13.75 15.81 -15.92
CA THR B 92 -13.98 15.54 -14.50
C THR B 92 -13.74 14.07 -14.22
N LEU B 93 -12.80 13.77 -13.32
CA LEU B 93 -12.48 12.40 -12.93
C LEU B 93 -13.32 11.98 -11.72
N LEU B 94 -14.46 11.34 -11.99
CA LEU B 94 -15.35 10.84 -10.94
C LEU B 94 -14.92 9.44 -10.52
N LEU B 95 -14.74 9.24 -9.21
CA LEU B 95 -14.28 7.97 -8.67
C LEU B 95 -15.45 7.14 -8.14
N PHE B 96 -15.76 6.03 -8.81
CA PHE B 96 -16.82 5.12 -8.40
C PHE B 96 -16.35 4.02 -7.45
N LYS B 97 -16.51 4.25 -6.14
CA LYS B 97 -16.24 3.23 -5.13
C LYS B 97 -17.55 2.64 -4.61
N ASN B 98 -17.77 1.36 -4.88
CA ASN B 98 -19.00 0.64 -4.50
C ASN B 98 -20.28 1.26 -5.06
N GLY B 99 -20.25 1.61 -6.34
CA GLY B 99 -21.40 2.19 -7.02
C GLY B 99 -21.81 3.57 -6.52
N GLU B 100 -20.84 4.31 -5.99
CA GLU B 100 -21.06 5.67 -5.48
C GLU B 100 -19.85 6.53 -5.80
N VAL B 101 -19.82 7.78 -5.33
CA VAL B 101 -18.68 8.67 -5.62
C VAL B 101 -17.96 9.10 -4.34
N ALA B 102 -16.64 8.91 -4.32
CA ALA B 102 -15.80 9.26 -3.18
C ALA B 102 -15.27 10.69 -3.32
N ALA B 103 -14.56 10.94 -4.41
CA ALA B 103 -13.96 12.26 -4.66
C ALA B 103 -13.94 12.62 -6.15
N THR B 104 -13.99 13.92 -6.42
CA THR B 104 -13.94 14.44 -7.79
C THR B 104 -12.71 15.33 -7.98
N LYS B 105 -12.24 15.40 -9.23
CA LYS B 105 -10.99 16.09 -9.55
C LYS B 105 -11.14 16.88 -10.87
N VAL B 106 -11.31 18.20 -10.74
CA VAL B 106 -11.56 19.07 -11.89
C VAL B 106 -10.32 19.88 -12.26
N GLY B 107 -10.11 20.07 -13.57
CA GLY B 107 -8.96 20.79 -14.08
C GLY B 107 -7.74 19.90 -14.18
N ALA B 108 -7.27 19.66 -15.40
CA ALA B 108 -6.26 18.64 -15.69
C ALA B 108 -4.99 18.74 -14.85
N LEU B 109 -4.29 17.61 -14.77
CA LEU B 109 -3.10 17.46 -13.92
C LEU B 109 -2.10 16.47 -14.51
N SER B 110 -0.86 16.50 -14.01
CA SER B 110 0.20 15.65 -14.54
C SER B 110 0.10 14.22 -13.98
N LYS B 111 1.09 13.39 -14.29
CA LYS B 111 1.13 12.00 -13.82
C LYS B 111 1.44 11.94 -12.31
N GLY B 112 2.23 12.90 -11.82
CA GLY B 112 2.56 12.98 -10.41
C GLY B 112 1.42 13.48 -9.54
N GLN B 113 0.49 14.23 -10.13
CA GLN B 113 -0.64 14.79 -9.39
C GLN B 113 -1.85 13.85 -9.39
N LEU B 114 -1.97 13.04 -10.44
CA LEU B 114 -3.04 12.04 -10.54
C LEU B 114 -2.73 10.87 -9.60
N LYS B 115 -1.44 10.66 -9.33
CA LYS B 115 -1.01 9.71 -8.31
C LYS B 115 -1.32 10.25 -6.91
N GLU B 116 -1.15 11.56 -6.73
CA GLU B 116 -1.46 12.22 -5.45
C GLU B 116 -2.94 12.11 -5.09
N PHE B 117 -3.80 12.15 -6.10
CA PHE B 117 -5.25 12.10 -5.90
C PHE B 117 -5.71 10.67 -5.59
N LEU B 118 -5.19 9.71 -6.37
CA LEU B 118 -5.55 8.30 -6.20
C LEU B 118 -5.05 7.75 -4.87
N ASP B 119 -3.77 7.97 -4.57
CA ASP B 119 -3.12 7.39 -3.40
C ASP B 119 -3.64 7.92 -2.05
N ALA B 120 -4.47 8.97 -2.10
CA ALA B 120 -5.16 9.47 -0.91
C ALA B 120 -6.63 9.04 -0.89
N ASN B 121 -6.93 7.92 -1.57
CA ASN B 121 -8.30 7.44 -1.73
C ASN B 121 -8.47 5.91 -1.82
N LEU B 122 -7.43 5.20 -2.27
CA LEU B 122 -7.51 3.74 -2.41
C LEU B 122 -6.96 3.07 -1.15
N ALA B 123 -5.71 3.38 -0.82
CA ALA B 123 -5.04 2.81 0.33
C ALA B 123 -3.90 3.71 0.82
N GLU C 1 16.78 -41.19 25.36
CA GLU C 1 16.30 -40.56 26.63
C GLU C 1 14.99 -39.82 26.45
N VAL C 2 14.80 -39.20 25.27
CA VAL C 2 13.58 -38.50 24.95
C VAL C 2 12.43 -39.51 24.83
N GLN C 3 11.33 -39.23 25.51
CA GLN C 3 10.19 -40.15 25.59
C GLN C 3 8.85 -39.41 25.67
N LEU C 4 7.85 -39.95 24.99
CA LEU C 4 6.49 -39.41 25.05
C LEU C 4 5.52 -40.52 25.44
N GLN C 5 4.98 -40.43 26.65
CA GLN C 5 4.05 -41.44 27.19
C GLN C 5 2.70 -40.80 27.48
N GLN C 6 1.64 -41.40 26.94
CA GLN C 6 0.29 -40.86 27.07
C GLN C 6 -0.53 -41.72 28.03
N SER C 7 -1.75 -41.26 28.33
CA SER C 7 -2.62 -41.93 29.30
C SER C 7 -3.11 -43.30 28.83
N GLY C 8 -3.71 -44.05 29.75
CA GLY C 8 -4.15 -45.42 29.48
C GLY C 8 -5.38 -45.54 28.60
N ALA C 9 -5.76 -46.78 28.32
CA ALA C 9 -6.89 -47.06 27.43
C ALA C 9 -8.21 -46.63 28.06
N GLU C 10 -8.81 -45.58 27.50
CA GLU C 10 -10.03 -44.98 28.05
C GLU C 10 -11.31 -45.65 27.54
N LEU C 11 -12.39 -45.43 28.27
CA LEU C 11 -13.74 -45.84 27.87
C LEU C 11 -14.72 -44.73 28.28
N VAL C 12 -15.36 -44.11 27.29
CA VAL C 12 -16.17 -42.91 27.53
C VAL C 12 -17.53 -42.96 26.82
N LYS C 13 -18.51 -42.27 27.40
CA LYS C 13 -19.87 -42.24 26.84
C LYS C 13 -19.98 -41.17 25.74
N PRO C 14 -20.89 -41.35 24.79
CA PRO C 14 -21.18 -40.32 23.78
C PRO C 14 -21.84 -39.08 24.39
N GLY C 15 -21.40 -37.90 23.98
CA GLY C 15 -21.92 -36.65 24.49
C GLY C 15 -21.05 -36.03 25.58
N ALA C 16 -20.17 -36.84 26.17
CA ALA C 16 -19.29 -36.39 27.25
C ALA C 16 -17.98 -35.86 26.69
N SER C 17 -17.06 -35.48 27.58
CA SER C 17 -15.73 -35.01 27.20
C SER C 17 -14.63 -35.89 27.81
N VAL C 18 -13.43 -35.78 27.25
CA VAL C 18 -12.28 -36.57 27.71
C VAL C 18 -10.97 -35.79 27.52
N LYS C 19 -10.07 -35.91 28.48
CA LYS C 19 -8.77 -35.24 28.43
C LYS C 19 -7.64 -36.25 28.36
N LEU C 20 -6.90 -36.25 27.25
CA LEU C 20 -5.76 -37.14 27.05
C LEU C 20 -4.46 -36.39 27.29
N SER C 21 -3.59 -36.97 28.12
CA SER C 21 -2.32 -36.33 28.49
C SER C 21 -1.16 -36.90 27.66
N CYS C 22 -0.01 -36.24 27.76
CA CYS C 22 1.20 -36.64 27.05
C CYS C 22 2.45 -36.15 27.78
N LYS C 23 2.86 -36.91 28.78
CA LYS C 23 4.07 -36.62 29.55
C LYS C 23 5.31 -36.56 28.66
N ALA C 24 6.04 -35.44 28.73
CA ALA C 24 7.27 -35.25 27.97
C ALA C 24 8.46 -35.19 28.92
N SER C 25 9.50 -35.96 28.62
CA SER C 25 10.68 -36.05 29.48
C SER C 25 11.97 -36.27 28.67
N GLY C 26 13.11 -36.00 29.32
CA GLY C 26 14.41 -36.13 28.68
C GLY C 26 14.83 -34.92 27.87
N TYR C 27 14.03 -33.86 27.91
CA TYR C 27 14.33 -32.61 27.19
C TYR C 27 13.53 -31.43 27.74
N THR C 28 13.95 -30.22 27.38
CA THR C 28 13.24 -29.01 27.79
C THR C 28 11.90 -28.95 27.07
N PHE C 29 10.82 -29.02 27.84
CA PHE C 29 9.46 -29.09 27.29
C PHE C 29 9.08 -27.89 26.42
N THR C 30 9.59 -26.71 26.77
CA THR C 30 9.20 -25.47 26.10
C THR C 30 10.10 -25.10 24.90
N SER C 31 10.81 -26.08 24.35
CA SER C 31 11.71 -25.87 23.22
C SER C 31 11.25 -26.59 21.95
N TYR C 32 10.12 -27.31 22.02
CA TYR C 32 9.62 -28.07 20.87
C TYR C 32 8.10 -28.03 20.79
N TRP C 33 7.58 -27.92 19.56
CA TRP C 33 6.13 -28.02 19.33
C TRP C 33 5.64 -29.43 19.67
N MET C 34 4.33 -29.59 19.71
CA MET C 34 3.71 -30.87 20.09
C MET C 34 2.42 -31.10 19.33
N HIS C 35 2.50 -31.87 18.25
CA HIS C 35 1.34 -32.19 17.43
C HIS C 35 0.49 -33.28 18.06
N TRP C 36 -0.68 -33.51 17.48
CA TRP C 36 -1.57 -34.61 17.86
C TRP C 36 -2.17 -35.20 16.59
N VAL C 37 -2.14 -36.52 16.47
CA VAL C 37 -2.60 -37.22 15.27
C VAL C 37 -3.68 -38.24 15.62
N LYS C 38 -4.53 -38.57 14.65
CA LYS C 38 -5.62 -39.52 14.82
C LYS C 38 -5.45 -40.69 13.86
N GLN C 39 -5.38 -41.91 14.39
CA GLN C 39 -5.21 -43.11 13.59
C GLN C 39 -6.42 -44.04 13.75
N ARG C 40 -7.25 -44.10 12.72
CA ARG C 40 -8.35 -45.06 12.67
C ARG C 40 -8.01 -46.15 11.67
N PRO C 41 -8.53 -47.37 11.87
CA PRO C 41 -8.34 -48.46 10.91
C PRO C 41 -8.81 -48.11 9.49
N GLY C 42 -7.91 -48.22 8.52
CA GLY C 42 -8.23 -47.96 7.12
C GLY C 42 -8.35 -46.50 6.75
N ARG C 43 -7.87 -45.60 7.61
CA ARG C 43 -7.92 -44.16 7.38
C ARG C 43 -6.53 -43.49 7.44
N GLY C 44 -5.49 -44.26 7.74
CA GLY C 44 -4.14 -43.74 7.82
C GLY C 44 -3.95 -42.82 9.02
N LEU C 45 -3.52 -41.59 8.75
CA LEU C 45 -3.34 -40.57 9.78
C LEU C 45 -4.16 -39.32 9.46
N GLU C 46 -4.45 -38.53 10.49
CA GLU C 46 -5.29 -37.34 10.36
C GLU C 46 -4.83 -36.26 11.35
N TRP C 47 -4.31 -35.16 10.84
CA TRP C 47 -3.80 -34.08 11.69
C TRP C 47 -4.92 -33.38 12.44
N ILE C 48 -4.74 -33.22 13.75
CA ILE C 48 -5.70 -32.55 14.63
C ILE C 48 -5.25 -31.12 14.92
N GLY C 49 -3.97 -30.95 15.26
CA GLY C 49 -3.43 -29.65 15.62
C GLY C 49 -2.04 -29.70 16.21
N ARG C 50 -1.44 -28.53 16.40
CA ARG C 50 -0.14 -28.42 17.09
C ARG C 50 -0.20 -27.34 18.18
N ILE C 51 0.78 -27.36 19.08
CA ILE C 51 0.89 -26.35 20.12
C ILE C 51 2.35 -26.03 20.46
N ASP C 52 2.66 -24.74 20.51
CA ASP C 52 3.95 -24.28 20.98
C ASP C 52 3.82 -24.12 22.50
N PRO C 53 4.53 -24.93 23.27
CA PRO C 53 4.45 -24.85 24.74
C PRO C 53 4.96 -23.54 25.33
N ASN C 54 5.76 -22.78 24.55
CA ASN C 54 6.17 -21.44 24.93
C ASN C 54 5.17 -20.40 24.41
N GLY C 55 4.21 -20.03 25.25
CA GLY C 55 3.20 -19.05 24.91
C GLY C 55 1.80 -19.63 24.76
N GLY C 56 1.72 -20.92 24.47
CA GLY C 56 0.45 -21.60 24.28
C GLY C 56 -0.28 -21.26 22.98
N GLY C 57 0.49 -20.97 21.93
CA GLY C 57 -0.09 -20.68 20.63
C GLY C 57 -0.54 -21.95 19.94
N THR C 58 -1.71 -21.91 19.29
CA THR C 58 -2.31 -23.12 18.70
C THR C 58 -2.73 -22.92 17.24
N LYS C 59 -2.58 -24.00 16.46
CA LYS C 59 -3.08 -24.08 15.09
C LYS C 59 -3.84 -25.38 14.90
N TYR C 60 -4.96 -25.33 14.20
CA TYR C 60 -5.83 -26.49 14.06
C TYR C 60 -6.17 -26.83 12.61
N ASN C 61 -6.48 -28.10 12.38
CA ASN C 61 -7.17 -28.54 11.18
C ASN C 61 -8.58 -27.95 11.22
N GLU C 62 -9.11 -27.59 10.05
CA GLU C 62 -10.47 -27.04 9.97
C GLU C 62 -11.54 -28.02 10.44
N LYS C 63 -11.29 -29.31 10.26
CA LYS C 63 -12.20 -30.37 10.71
C LYS C 63 -12.21 -30.51 12.24
N PHE C 64 -11.10 -30.17 12.88
CA PHE C 64 -10.93 -30.36 14.33
C PHE C 64 -10.82 -29.06 15.13
N LYS C 65 -11.43 -27.97 14.65
CA LYS C 65 -11.38 -26.70 15.39
C LYS C 65 -12.41 -26.65 16.52
N SER C 66 -13.61 -27.17 16.26
CA SER C 66 -14.67 -27.24 17.27
C SER C 66 -14.55 -28.50 18.15
N LYS C 67 -13.71 -29.45 17.73
CA LYS C 67 -13.55 -30.72 18.42
C LYS C 67 -12.47 -30.67 19.49
N ALA C 68 -11.27 -30.24 19.11
CA ALA C 68 -10.08 -30.31 19.97
C ALA C 68 -9.76 -28.98 20.65
N THR C 69 -9.02 -29.07 21.76
CA THR C 69 -8.55 -27.90 22.50
C THR C 69 -7.18 -28.18 23.13
N LEU C 70 -6.12 -27.77 22.43
CA LEU C 70 -4.75 -28.04 22.88
C LEU C 70 -4.28 -27.02 23.91
N THR C 71 -3.84 -27.52 25.07
CA THR C 71 -3.22 -26.70 26.11
C THR C 71 -1.98 -27.41 26.66
N VAL C 72 -1.16 -26.68 27.43
CA VAL C 72 0.03 -27.28 28.05
C VAL C 72 0.15 -26.91 29.53
N ASP C 73 1.04 -27.62 30.21
CA ASP C 73 1.36 -27.37 31.61
C ASP C 73 2.88 -27.45 31.77
N LYS C 74 3.52 -26.28 31.84
CA LYS C 74 4.99 -26.19 31.84
C LYS C 74 5.68 -26.90 33.02
N PRO C 75 5.13 -26.77 34.23
CA PRO C 75 5.70 -27.47 35.40
C PRO C 75 5.81 -28.99 35.24
N SER C 76 4.73 -29.64 34.83
CA SER C 76 4.69 -31.10 34.70
C SER C 76 5.10 -31.59 33.31
N SER C 77 5.40 -30.66 32.40
CA SER C 77 5.78 -30.97 31.02
C SER C 77 4.72 -31.77 30.24
N THR C 78 3.46 -31.66 30.66
CA THR C 78 2.38 -32.46 30.10
C THR C 78 1.56 -31.69 29.06
N ALA C 79 1.58 -32.16 27.81
CA ALA C 79 0.72 -31.62 26.77
C ALA C 79 -0.67 -32.24 26.88
N TYR C 80 -1.67 -31.56 26.33
CA TYR C 80 -3.07 -31.96 26.49
C TYR C 80 -3.88 -31.79 25.20
N MET C 81 -5.03 -32.46 25.16
CA MET C 81 -5.95 -32.38 24.02
C MET C 81 -7.35 -32.84 24.45
N GLN C 82 -8.29 -31.91 24.51
CA GLN C 82 -9.65 -32.19 24.98
C GLN C 82 -10.62 -32.38 23.83
N LEU C 83 -11.07 -33.62 23.62
CA LEU C 83 -12.09 -33.93 22.63
C LEU C 83 -13.48 -33.80 23.26
N SER C 84 -14.32 -32.95 22.67
CA SER C 84 -15.64 -32.64 23.21
C SER C 84 -16.75 -33.12 22.27
N SER C 85 -17.93 -33.37 22.84
CA SER C 85 -19.07 -33.89 22.09
C SER C 85 -18.69 -35.17 21.34
N LEU C 86 -18.32 -36.20 22.10
CA LEU C 86 -17.75 -37.42 21.55
C LEU C 86 -18.79 -38.24 20.77
N THR C 87 -18.36 -38.76 19.62
CA THR C 87 -19.20 -39.62 18.79
C THR C 87 -18.46 -40.94 18.50
N SER C 88 -19.07 -41.80 17.68
CA SER C 88 -18.43 -43.04 17.26
C SER C 88 -17.27 -42.80 16.28
N GLU C 89 -17.27 -41.64 15.63
CA GLU C 89 -16.19 -41.25 14.72
C GLU C 89 -14.89 -40.90 15.46
N ASP C 90 -15.01 -40.49 16.72
CA ASP C 90 -13.83 -40.13 17.53
C ASP C 90 -13.09 -41.34 18.12
N SER C 91 -13.60 -42.55 17.89
CA SER C 91 -12.96 -43.77 18.35
C SER C 91 -11.66 -44.02 17.58
N ALA C 92 -10.53 -43.65 18.18
CA ALA C 92 -9.22 -43.75 17.53
C ALA C 92 -8.04 -43.70 18.50
N VAL C 93 -6.91 -44.24 18.05
CA VAL C 93 -5.66 -44.19 18.81
C VAL C 93 -4.96 -42.86 18.55
N TYR C 94 -4.97 -41.99 19.55
CA TYR C 94 -4.38 -40.65 19.43
C TYR C 94 -2.94 -40.64 19.92
N TYR C 95 -2.03 -40.19 19.06
CA TYR C 95 -0.61 -40.06 19.39
C TYR C 95 -0.26 -38.59 19.65
N CYS C 96 0.93 -38.36 20.17
CA CYS C 96 1.49 -37.01 20.29
C CYS C 96 2.93 -37.01 19.78
N ALA C 97 3.15 -36.27 18.69
CA ALA C 97 4.46 -36.19 18.07
C ALA C 97 5.18 -34.92 18.50
N ARG C 98 6.50 -34.91 18.31
CA ARG C 98 7.33 -33.74 18.61
C ARG C 98 7.84 -33.17 17.30
N MET C 99 7.97 -31.84 17.23
CA MET C 99 8.47 -31.19 16.02
C MET C 99 9.56 -30.17 16.32
N TRP C 100 10.62 -30.25 15.52
CA TRP C 100 11.68 -29.25 15.48
C TRP C 100 11.23 -28.22 14.44
N TYR C 101 11.06 -26.97 14.87
CA TYR C 101 10.58 -25.91 13.98
C TYR C 101 11.68 -24.91 13.60
N TYR C 102 12.81 -24.94 14.30
CA TYR C 102 13.86 -23.94 14.13
C TYR C 102 14.60 -24.11 12.81
N GLY C 103 14.23 -23.30 11.81
CA GLY C 103 14.85 -23.36 10.49
C GLY C 103 14.13 -24.25 9.51
N THR C 104 13.56 -25.35 10.01
CA THR C 104 12.83 -26.30 9.18
C THR C 104 11.81 -27.09 10.02
N TYR C 105 10.91 -27.80 9.34
CA TYR C 105 9.86 -28.57 10.02
C TYR C 105 10.03 -30.08 9.80
N TYR C 106 10.43 -30.79 10.86
CA TYR C 106 10.53 -32.25 10.82
C TYR C 106 10.06 -32.91 12.13
N PHE C 107 9.41 -34.06 12.01
CA PHE C 107 9.04 -34.86 13.18
C PHE C 107 10.23 -35.71 13.62
N ASP C 108 10.16 -36.26 14.84
CA ASP C 108 11.24 -37.11 15.35
C ASP C 108 10.78 -38.16 16.37
N TYR C 109 10.21 -37.72 17.49
CA TYR C 109 9.80 -38.64 18.55
C TYR C 109 8.28 -38.70 18.68
N TRP C 110 7.74 -39.92 18.62
CA TRP C 110 6.30 -40.14 18.75
C TRP C 110 6.00 -40.95 20.01
N GLY C 111 4.75 -40.91 20.44
CA GLY C 111 4.29 -41.68 21.59
C GLY C 111 3.74 -43.04 21.18
N GLN C 112 3.50 -43.90 22.18
CA GLN C 112 2.93 -45.23 21.92
C GLN C 112 1.43 -45.19 21.60
N GLY C 113 0.76 -44.09 21.96
CA GLY C 113 -0.64 -43.88 21.62
C GLY C 113 -1.59 -44.24 22.75
N THR C 114 -2.84 -43.81 22.60
CA THR C 114 -3.89 -44.03 23.60
C THR C 114 -5.20 -44.43 22.93
N THR C 115 -5.59 -45.69 23.10
CA THR C 115 -6.81 -46.22 22.49
C THR C 115 -8.06 -45.66 23.19
N LEU C 116 -8.82 -44.84 22.45
CA LEU C 116 -10.08 -44.28 22.94
C LEU C 116 -11.24 -44.99 22.26
N THR C 117 -12.21 -45.46 23.05
CA THR C 117 -13.39 -46.13 22.54
C THR C 117 -14.65 -45.45 23.07
N VAL C 118 -15.39 -44.80 22.18
CA VAL C 118 -16.63 -44.12 22.54
C VAL C 118 -17.80 -45.10 22.47
N SER C 119 -18.07 -45.77 23.59
CA SER C 119 -19.15 -46.75 23.71
C SER C 119 -20.24 -46.25 24.66
N SER C 120 -21.49 -46.43 24.27
CA SER C 120 -22.63 -46.03 25.09
C SER C 120 -22.96 -47.10 26.12
N ALA C 121 -23.39 -46.66 27.31
CA ALA C 121 -23.77 -47.59 28.38
C ALA C 121 -25.13 -48.22 28.07
N ALA C 122 -25.14 -49.52 27.84
CA ALA C 122 -26.36 -50.25 27.52
C ALA C 122 -27.28 -50.42 28.73
N GLU D 1 -18.24 41.54 -23.63
CA GLU D 1 -19.48 41.44 -22.81
C GLU D 1 -19.19 41.01 -21.39
N VAL D 2 -18.18 40.15 -21.21
CA VAL D 2 -17.77 39.70 -19.88
C VAL D 2 -17.17 40.87 -19.10
N GLN D 3 -17.67 41.06 -17.87
CA GLN D 3 -17.27 42.20 -17.04
C GLN D 3 -17.23 41.84 -15.56
N LEU D 4 -16.22 42.36 -14.86
CA LEU D 4 -16.10 42.19 -13.42
C LEU D 4 -16.00 43.56 -12.76
N GLN D 5 -17.06 43.94 -12.03
CA GLN D 5 -17.13 45.25 -11.38
C GLN D 5 -17.28 45.05 -9.87
N GLN D 6 -16.38 45.68 -9.11
CA GLN D 6 -16.35 45.54 -7.65
C GLN D 6 -16.91 46.80 -6.99
N SER D 7 -17.08 46.73 -5.68
CA SER D 7 -17.69 47.82 -4.91
C SER D 7 -16.79 49.06 -4.84
N GLY D 8 -17.33 50.16 -4.30
CA GLY D 8 -16.66 51.44 -4.28
C GLY D 8 -15.51 51.57 -3.30
N ALA D 9 -14.84 52.72 -3.34
CA ALA D 9 -13.68 52.98 -2.49
C ALA D 9 -14.10 53.15 -1.02
N GLU D 10 -13.66 52.21 -0.19
CA GLU D 10 -14.07 52.15 1.22
C GLU D 10 -13.14 52.93 2.14
N LEU D 11 -13.62 53.16 3.37
CA LEU D 11 -12.81 53.73 4.45
C LEU D 11 -13.24 53.05 5.75
N VAL D 12 -12.31 52.29 6.34
CA VAL D 12 -12.62 51.41 7.47
C VAL D 12 -11.65 51.58 8.63
N LYS D 13 -12.13 51.31 9.85
CA LYS D 13 -11.31 51.45 11.06
C LYS D 13 -10.50 50.16 11.30
N PRO D 14 -9.35 50.28 11.96
CA PRO D 14 -8.56 49.10 12.37
C PRO D 14 -9.28 48.26 13.43
N GLY D 15 -9.26 46.94 13.27
CA GLY D 15 -9.92 46.03 14.19
C GLY D 15 -11.27 45.54 13.68
N ALA D 16 -11.87 46.29 12.76
CA ALA D 16 -13.19 45.97 12.21
C ALA D 16 -13.06 45.02 11.01
N SER D 17 -14.19 44.70 10.39
CA SER D 17 -14.23 43.84 9.20
C SER D 17 -14.84 44.59 8.01
N VAL D 18 -14.61 44.06 6.82
CA VAL D 18 -15.12 44.65 5.58
C VAL D 18 -15.39 43.57 4.52
N LYS D 19 -16.50 43.74 3.78
CA LYS D 19 -16.89 42.79 2.74
C LYS D 19 -16.83 43.47 1.36
N LEU D 20 -15.96 42.94 0.49
CA LEU D 20 -15.80 43.47 -0.86
C LEU D 20 -16.48 42.53 -1.86
N SER D 21 -17.36 43.10 -2.69
CA SER D 21 -18.12 42.32 -3.67
C SER D 21 -17.48 42.35 -5.05
N CYS D 22 -17.97 41.50 -5.95
CA CYS D 22 -17.45 41.40 -7.32
C CYS D 22 -18.54 40.86 -8.25
N LYS D 23 -19.41 41.76 -8.71
CA LYS D 23 -20.48 41.42 -9.65
C LYS D 23 -19.91 40.83 -10.94
N ALA D 24 -20.40 39.64 -11.31
CA ALA D 24 -20.00 38.97 -12.53
C ALA D 24 -21.18 38.91 -13.50
N SER D 25 -20.94 39.27 -14.75
CA SER D 25 -22.00 39.32 -15.77
C SER D 25 -21.48 39.01 -17.17
N GLY D 26 -22.40 38.67 -18.07
CA GLY D 26 -22.06 38.34 -19.45
C GLY D 26 -21.62 36.89 -19.64
N TYR D 27 -21.72 36.09 -18.59
CA TYR D 27 -21.36 34.66 -18.65
C TYR D 27 -21.98 33.87 -17.49
N THR D 28 -21.97 32.54 -17.62
CA THR D 28 -22.47 31.65 -16.57
C THR D 28 -21.53 31.71 -15.37
N PHE D 29 -22.02 32.28 -14.27
CA PHE D 29 -21.21 32.52 -13.08
C PHE D 29 -20.56 31.26 -12.50
N THR D 30 -21.28 30.14 -12.55
CA THR D 30 -20.85 28.91 -11.91
C THR D 30 -19.99 28.00 -12.80
N SER D 31 -19.43 28.57 -13.86
CA SER D 31 -18.59 27.83 -14.80
C SER D 31 -17.12 28.27 -14.77
N TYR D 32 -16.79 29.22 -13.89
CA TYR D 32 -15.43 29.75 -13.81
C TYR D 32 -15.01 30.05 -12.38
N TRP D 33 -13.76 29.73 -12.05
CA TRP D 33 -13.19 30.09 -10.75
C TRP D 33 -13.07 31.61 -10.63
N MET D 34 -12.78 32.09 -9.42
CA MET D 34 -12.73 33.52 -9.15
C MET D 34 -11.67 33.83 -8.09
N HIS D 35 -10.49 34.22 -8.56
CA HIS D 35 -9.37 34.56 -7.68
C HIS D 35 -9.54 35.96 -7.09
N TRP D 36 -8.67 36.29 -6.15
CA TRP D 36 -8.60 37.62 -5.54
C TRP D 36 -7.13 37.97 -5.30
N VAL D 37 -6.71 39.14 -5.76
CA VAL D 37 -5.32 39.56 -5.70
C VAL D 37 -5.17 40.88 -4.93
N LYS D 38 -3.99 41.10 -4.36
CA LYS D 38 -3.69 42.28 -3.56
C LYS D 38 -2.54 43.06 -4.19
N GLN D 39 -2.80 44.32 -4.52
CA GLN D 39 -1.79 45.18 -5.14
C GLN D 39 -1.47 46.37 -4.24
N ARG D 40 -0.29 46.34 -3.64
CA ARG D 40 0.22 47.46 -2.85
C ARG D 40 1.35 48.13 -3.63
N PRO D 41 1.54 49.44 -3.44
CA PRO D 41 2.65 50.16 -4.07
C PRO D 41 4.02 49.55 -3.77
N GLY D 42 4.75 49.17 -4.81
CA GLY D 42 6.09 48.62 -4.67
C GLY D 42 6.15 47.18 -4.18
N ARG D 43 5.01 46.47 -4.25
CA ARG D 43 4.93 45.07 -3.81
C ARG D 43 4.44 44.13 -4.92
N GLY D 44 4.09 44.68 -6.09
CA GLY D 44 3.59 43.89 -7.20
C GLY D 44 2.21 43.33 -6.94
N LEU D 45 2.08 42.01 -7.04
CA LEU D 45 0.82 41.31 -6.76
C LEU D 45 1.02 40.25 -5.68
N GLU D 46 -0.08 39.87 -5.02
CA GLU D 46 -0.06 38.91 -3.93
C GLU D 46 -1.34 38.09 -3.92
N TRP D 47 -1.22 36.79 -4.18
CA TRP D 47 -2.38 35.91 -4.23
C TRP D 47 -3.01 35.72 -2.85
N ILE D 48 -4.32 35.91 -2.77
CA ILE D 48 -5.09 35.74 -1.53
C ILE D 48 -5.79 34.38 -1.52
N GLY D 49 -6.44 34.04 -2.62
CA GLY D 49 -7.19 32.80 -2.72
C GLY D 49 -8.06 32.69 -3.96
N ARG D 50 -8.62 31.51 -4.19
CA ARG D 50 -9.58 31.29 -5.28
C ARG D 50 -10.83 30.59 -4.76
N ILE D 51 -11.89 30.62 -5.56
CA ILE D 51 -13.13 29.93 -5.22
C ILE D 51 -13.82 29.37 -6.46
N ASP D 52 -14.30 28.14 -6.35
CA ASP D 52 -15.15 27.53 -7.38
C ASP D 52 -16.59 27.84 -6.97
N PRO D 53 -17.29 28.66 -7.75
CA PRO D 53 -18.68 29.01 -7.42
C PRO D 53 -19.64 27.81 -7.46
N ASN D 54 -19.24 26.72 -8.11
CA ASN D 54 -19.99 25.46 -8.08
C ASN D 54 -19.54 24.61 -6.88
N GLY D 55 -20.25 24.75 -5.76
CA GLY D 55 -19.96 24.00 -4.54
C GLY D 55 -19.35 24.83 -3.43
N GLY D 56 -18.71 25.94 -3.79
CA GLY D 56 -18.08 26.82 -2.82
C GLY D 56 -16.79 26.30 -2.23
N GLY D 57 -16.02 25.56 -3.03
CA GLY D 57 -14.72 25.04 -2.59
C GLY D 57 -13.66 26.13 -2.65
N THR D 58 -12.82 26.20 -1.62
CA THR D 58 -11.85 27.28 -1.50
C THR D 58 -10.41 26.79 -1.31
N LYS D 59 -9.46 27.59 -1.78
CA LYS D 59 -8.03 27.35 -1.58
C LYS D 59 -7.33 28.67 -1.30
N TYR D 60 -6.51 28.71 -0.25
CA TYR D 60 -5.91 29.96 0.21
C TYR D 60 -4.39 29.94 0.20
N ASN D 61 -3.81 31.14 0.11
CA ASN D 61 -2.41 31.37 0.45
C ASN D 61 -2.26 31.15 1.95
N GLU D 62 -1.12 30.63 2.38
CA GLU D 62 -0.85 30.41 3.80
C GLU D 62 -0.86 31.71 4.62
N LYS D 63 -0.45 32.81 3.98
CA LYS D 63 -0.44 34.12 4.62
C LYS D 63 -1.84 34.70 4.81
N PHE D 64 -2.79 34.27 3.98
CA PHE D 64 -4.15 34.81 3.98
C PHE D 64 -5.24 33.80 4.36
N LYS D 65 -4.90 32.78 5.16
CA LYS D 65 -5.89 31.80 5.59
C LYS D 65 -6.76 32.31 6.75
N SER D 66 -6.12 32.98 7.70
CA SER D 66 -6.83 33.57 8.85
C SER D 66 -7.41 34.95 8.51
N LYS D 67 -6.97 35.54 7.40
CA LYS D 67 -7.37 36.89 7.01
C LYS D 67 -8.64 36.89 6.16
N ALA D 68 -8.64 36.10 5.09
CA ALA D 68 -9.71 36.15 4.08
C ALA D 68 -10.73 35.03 4.24
N THR D 69 -11.93 35.26 3.70
CA THR D 69 -13.00 34.27 3.67
C THR D 69 -13.81 34.40 2.38
N LEU D 70 -13.49 33.55 1.40
CA LEU D 70 -14.14 33.59 0.09
C LEU D 70 -15.47 32.81 0.09
N THR D 71 -16.54 33.51 -0.26
CA THR D 71 -17.86 32.90 -0.47
C THR D 71 -18.48 33.41 -1.78
N VAL D 72 -19.55 32.77 -2.23
CA VAL D 72 -20.28 33.23 -3.42
C VAL D 72 -21.79 33.25 -3.22
N ASP D 73 -22.46 33.93 -4.14
CA ASP D 73 -23.92 34.00 -4.16
C ASP D 73 -24.38 33.76 -5.60
N LYS D 74 -24.87 32.56 -5.87
CA LYS D 74 -25.20 32.12 -7.23
C LYS D 74 -26.32 32.95 -7.90
N PRO D 75 -27.38 33.30 -7.17
CA PRO D 75 -28.45 34.15 -7.72
C PRO D 75 -27.97 35.48 -8.29
N SER D 76 -27.21 36.24 -7.52
CA SER D 76 -26.73 37.56 -7.93
C SER D 76 -25.38 37.54 -8.66
N SER D 77 -24.80 36.34 -8.81
CA SER D 77 -23.50 36.15 -9.45
C SER D 77 -22.36 36.93 -8.79
N THR D 78 -22.50 37.23 -7.50
CA THR D 78 -21.55 38.09 -6.79
C THR D 78 -20.57 37.28 -5.94
N ALA D 79 -19.29 37.36 -6.28
CA ALA D 79 -18.23 36.78 -5.46
C ALA D 79 -17.89 37.71 -4.31
N TYR D 80 -17.33 37.15 -3.23
CA TYR D 80 -17.08 37.89 -2.00
C TYR D 80 -15.72 37.57 -1.37
N MET D 81 -15.26 38.46 -0.51
CA MET D 81 -13.99 38.27 0.21
C MET D 81 -13.97 39.15 1.46
N GLN D 82 -14.03 38.51 2.63
CA GLN D 82 -14.12 39.23 3.91
C GLN D 82 -12.77 39.29 4.61
N LEU D 83 -12.19 40.49 4.66
CA LEU D 83 -10.94 40.73 5.38
C LEU D 83 -11.26 41.12 6.83
N SER D 84 -10.72 40.34 7.77
CA SER D 84 -11.01 40.52 9.19
C SER D 84 -9.76 40.97 9.96
N SER D 85 -9.98 41.62 11.10
CA SER D 85 -8.90 42.16 11.92
C SER D 85 -7.98 43.06 11.07
N LEU D 86 -8.55 44.14 10.56
CA LEU D 86 -7.87 45.00 9.59
C LEU D 86 -6.71 45.78 10.21
N THR D 87 -5.60 45.85 9.47
CA THR D 87 -4.43 46.62 9.90
C THR D 87 -4.01 47.58 8.78
N SER D 88 -2.91 48.29 8.99
CA SER D 88 -2.36 49.19 7.97
C SER D 88 -1.75 48.43 6.79
N GLU D 89 -1.39 47.16 7.01
CA GLU D 89 -0.86 46.29 5.96
C GLU D 89 -1.93 45.87 4.94
N ASP D 90 -3.19 45.87 5.37
CA ASP D 90 -4.31 45.49 4.49
C ASP D 90 -4.75 46.61 3.54
N SER D 91 -4.14 47.79 3.64
CA SER D 91 -4.45 48.90 2.75
C SER D 91 -3.95 48.62 1.33
N ALA D 92 -4.85 48.18 0.46
CA ALA D 92 -4.48 47.80 -0.91
C ALA D 92 -5.68 47.75 -1.87
N VAL D 93 -5.39 47.86 -3.16
CA VAL D 93 -6.38 47.73 -4.22
C VAL D 93 -6.61 46.25 -4.53
N TYR D 94 -7.76 45.73 -4.11
CA TYR D 94 -8.10 44.32 -4.31
C TYR D 94 -8.88 44.12 -5.61
N TYR D 95 -8.36 43.26 -6.48
CA TYR D 95 -9.02 42.89 -7.73
C TYR D 95 -9.70 41.53 -7.59
N CYS D 96 -10.49 41.17 -8.60
CA CYS D 96 -11.03 39.82 -8.72
C CYS D 96 -10.86 39.33 -10.16
N ALA D 97 -10.04 38.30 -10.34
CA ALA D 97 -9.76 37.74 -11.67
C ALA D 97 -10.63 36.52 -11.91
N ARG D 98 -10.75 36.14 -13.18
CA ARG D 98 -11.48 34.95 -13.59
C ARG D 98 -10.47 33.93 -14.11
N MET D 99 -10.74 32.64 -13.89
CA MET D 99 -9.85 31.58 -14.36
C MET D 99 -10.59 30.46 -15.06
N TRP D 100 -10.06 30.09 -16.23
CA TRP D 100 -10.45 28.90 -16.96
C TRP D 100 -9.64 27.76 -16.35
N TYR D 101 -10.31 26.76 -15.77
CA TYR D 101 -9.63 25.64 -15.14
C TYR D 101 -9.74 24.34 -15.92
N TYR D 102 -10.60 24.30 -16.93
CA TYR D 102 -10.90 23.08 -17.66
C TYR D 102 -9.76 22.66 -18.58
N GLY D 103 -8.96 21.69 -18.13
CA GLY D 103 -7.83 21.19 -18.91
C GLY D 103 -6.53 21.95 -18.70
N THR D 104 -6.64 23.24 -18.35
CA THR D 104 -5.46 24.08 -18.11
C THR D 104 -5.84 25.30 -17.25
N TYR D 105 -4.83 26.01 -16.74
CA TYR D 105 -5.07 27.16 -15.87
C TYR D 105 -4.56 28.46 -16.50
N TYR D 106 -5.48 29.31 -16.93
CA TYR D 106 -5.15 30.64 -17.46
C TYR D 106 -6.12 31.73 -16.98
N PHE D 107 -5.60 32.93 -16.74
CA PHE D 107 -6.44 34.08 -16.41
C PHE D 107 -6.95 34.74 -17.70
N ASP D 108 -7.96 35.59 -17.60
CA ASP D 108 -8.51 36.27 -18.77
C ASP D 108 -9.13 37.64 -18.48
N TYR D 109 -10.16 37.68 -17.63
CA TYR D 109 -10.86 38.93 -17.33
C TYR D 109 -10.63 39.37 -15.89
N TRP D 110 -10.17 40.61 -15.72
CA TRP D 110 -9.92 41.19 -14.40
C TRP D 110 -10.86 42.36 -14.16
N GLY D 111 -11.03 42.71 -12.89
CA GLY D 111 -11.83 43.87 -12.50
C GLY D 111 -11.01 45.15 -12.45
N GLN D 112 -11.69 46.28 -12.30
CA GLN D 112 -11.02 47.58 -12.20
C GLN D 112 -10.34 47.79 -10.84
N GLY D 113 -10.76 47.02 -9.83
CA GLY D 113 -10.15 47.08 -8.50
C GLY D 113 -10.91 47.97 -7.54
N THR D 114 -10.61 47.81 -6.25
CA THR D 114 -11.29 48.55 -5.19
C THR D 114 -10.29 49.02 -4.13
N THR D 115 -10.10 50.34 -4.04
CA THR D 115 -9.15 50.92 -3.09
C THR D 115 -9.67 50.85 -1.66
N LEU D 116 -8.97 50.10 -0.81
CA LEU D 116 -9.29 50.01 0.61
C LEU D 116 -8.23 50.76 1.41
N THR D 117 -8.68 51.64 2.31
CA THR D 117 -7.79 52.41 3.17
C THR D 117 -8.17 52.19 4.64
N VAL D 118 -7.32 51.49 5.37
CA VAL D 118 -7.54 51.24 6.80
C VAL D 118 -6.99 52.42 7.61
N SER D 119 -7.84 53.41 7.84
CA SER D 119 -7.48 54.60 8.61
C SER D 119 -8.25 54.65 9.92
N SER D 120 -7.55 55.00 11.01
CA SER D 120 -8.17 55.13 12.33
C SER D 120 -8.83 56.49 12.48
N ALA D 121 -9.96 56.52 13.20
CA ALA D 121 -10.68 57.76 13.45
C ALA D 121 -9.95 58.60 14.49
N ALA D 122 -9.46 59.77 14.08
CA ALA D 122 -8.70 60.65 14.96
C ALA D 122 -9.58 61.33 16.00
N ALA E 2 -6.82 -29.89 0.62
CA ALA E 2 -5.97 -30.63 -0.35
C ALA E 2 -5.90 -32.11 0.01
N VAL E 3 -5.59 -32.93 -1.00
CA VAL E 3 -5.51 -34.38 -0.83
C VAL E 3 -4.13 -34.88 -1.23
N VAL E 4 -3.36 -35.36 -0.25
CA VAL E 4 -2.04 -35.91 -0.51
C VAL E 4 -2.17 -37.39 -0.89
N THR E 5 -1.43 -37.79 -1.92
CA THR E 5 -1.53 -39.14 -2.48
C THR E 5 -0.17 -39.85 -2.42
N GLN E 6 -0.20 -41.14 -2.14
CA GLN E 6 0.99 -42.00 -2.19
C GLN E 6 0.67 -43.33 -2.86
N GLU E 7 1.70 -44.13 -3.12
CA GLU E 7 1.51 -45.49 -3.64
C GLU E 7 0.91 -46.37 -2.57
N SER E 8 0.06 -47.32 -2.99
CA SER E 8 -0.62 -48.21 -2.05
C SER E 8 0.35 -49.17 -1.38
N ALA E 9 1.21 -49.81 -2.19
CA ALA E 9 2.21 -50.75 -1.67
C ALA E 9 3.28 -51.05 -2.73
N LEU E 10 4.54 -50.96 -2.33
CA LEU E 10 5.68 -51.28 -3.20
C LEU E 10 6.42 -52.52 -2.68
N THR E 11 7.22 -53.12 -3.56
CA THR E 11 8.03 -54.28 -3.20
C THR E 11 9.50 -54.07 -3.57
N THR E 12 10.39 -54.54 -2.71
CA THR E 12 11.83 -54.44 -2.91
C THR E 12 12.56 -55.59 -2.22
N SER E 13 13.89 -55.62 -2.32
CA SER E 13 14.70 -56.64 -1.65
C SER E 13 15.86 -56.00 -0.86
N PRO E 14 16.54 -56.79 -0.03
CA PRO E 14 17.77 -56.33 0.64
C PRO E 14 18.87 -55.90 -0.34
N GLY E 15 19.38 -54.68 -0.17
CA GLY E 15 20.43 -54.15 -1.01
C GLY E 15 19.95 -53.26 -2.14
N GLU E 16 18.68 -53.39 -2.52
CA GLU E 16 18.11 -52.64 -3.63
C GLU E 16 17.80 -51.19 -3.26
N THR E 17 17.53 -50.37 -4.28
CA THR E 17 17.19 -48.96 -4.09
C THR E 17 15.74 -48.71 -4.52
N VAL E 18 14.88 -48.47 -3.55
CA VAL E 18 13.46 -48.18 -3.79
C VAL E 18 13.20 -46.67 -3.72
N THR E 19 12.16 -46.20 -4.39
CA THR E 19 11.78 -44.79 -4.36
C THR E 19 10.28 -44.62 -4.17
N LEU E 20 9.91 -43.96 -3.08
CA LEU E 20 8.51 -43.63 -2.79
C LEU E 20 8.25 -42.20 -3.26
N THR E 21 6.98 -41.88 -3.52
CA THR E 21 6.58 -40.55 -3.97
C THR E 21 5.45 -39.97 -3.12
N CYS E 22 5.14 -38.70 -3.35
CA CYS E 22 4.15 -37.97 -2.55
C CYS E 22 3.55 -36.81 -3.34
N ARG E 23 2.56 -37.13 -4.17
CA ARG E 23 1.88 -36.14 -5.02
C ARG E 23 0.99 -35.20 -4.21
N SER E 24 0.73 -34.02 -4.78
CA SER E 24 -0.25 -33.07 -4.23
C SER E 24 -1.31 -32.75 -5.28
N SER E 25 -2.56 -32.64 -4.85
CA SER E 25 -3.68 -32.40 -5.75
C SER E 25 -3.76 -30.95 -6.23
N THR E 26 -3.31 -30.01 -5.41
CA THR E 26 -3.35 -28.58 -5.75
C THR E 26 -2.48 -28.26 -6.95
N GLY E 27 -1.26 -28.80 -6.95
CA GLY E 27 -0.33 -28.59 -8.06
C GLY E 27 0.93 -29.42 -7.88
N ALA E 28 2.08 -28.74 -7.85
CA ALA E 28 3.37 -29.39 -7.63
C ALA E 28 3.83 -29.16 -6.20
N VAL E 29 4.64 -30.10 -5.70
CA VAL E 29 5.20 -30.00 -4.35
C VAL E 29 6.47 -29.16 -4.41
N THR E 30 6.55 -28.15 -3.56
CA THR E 30 7.64 -27.18 -3.58
C THR E 30 8.38 -27.17 -2.24
N THR E 31 9.32 -26.23 -2.09
CA THR E 31 10.05 -26.05 -0.85
C THR E 31 9.15 -25.48 0.25
N SER E 32 8.09 -24.77 -0.16
CA SER E 32 7.12 -24.22 0.78
C SER E 32 6.29 -25.30 1.49
N ASN E 33 6.10 -26.44 0.84
CA ASN E 33 5.32 -27.54 1.41
C ASN E 33 6.03 -28.29 2.54
N TYR E 34 7.36 -28.24 2.57
CA TYR E 34 8.15 -28.89 3.63
C TYR E 34 7.76 -30.36 3.80
N ALA E 35 8.11 -31.18 2.81
CA ALA E 35 7.69 -32.59 2.76
C ALA E 35 8.27 -33.42 3.92
N ASN E 36 7.38 -34.01 4.71
CA ASN E 36 7.77 -34.86 5.84
C ASN E 36 7.57 -36.32 5.49
N TRP E 37 8.18 -37.22 6.28
CA TRP E 37 8.12 -38.66 6.04
C TRP E 37 8.20 -39.43 7.35
N VAL E 38 7.05 -39.84 7.88
CA VAL E 38 6.99 -40.65 9.11
C VAL E 38 7.05 -42.13 8.75
N GLN E 39 7.58 -42.94 9.68
CA GLN E 39 7.73 -44.38 9.50
C GLN E 39 6.98 -45.13 10.61
N GLU E 40 6.18 -46.13 10.23
CA GLU E 40 5.37 -46.88 11.18
C GLU E 40 5.73 -48.37 11.13
N LYS E 41 6.67 -48.77 11.98
CA LYS E 41 7.07 -50.16 12.12
C LYS E 41 5.95 -50.92 12.87
N PRO E 42 5.92 -52.25 12.76
CA PRO E 42 4.89 -53.06 13.43
C PRO E 42 4.64 -52.70 14.91
N ASP E 43 3.40 -52.90 15.35
CA ASP E 43 2.95 -52.60 16.71
C ASP E 43 2.93 -51.09 17.03
N HIS E 44 2.62 -50.28 16.02
CA HIS E 44 2.46 -48.83 16.17
C HIS E 44 3.68 -48.13 16.78
N LEU E 45 4.82 -48.24 16.09
CA LEU E 45 6.06 -47.59 16.50
C LEU E 45 6.41 -46.49 15.50
N PHE E 46 5.93 -45.28 15.76
CA PHE E 46 6.14 -44.14 14.86
C PHE E 46 7.46 -43.43 15.16
N THR E 47 8.06 -42.85 14.12
CA THR E 47 9.29 -42.06 14.24
C THR E 47 9.53 -41.22 12.99
N GLY E 48 9.81 -39.93 13.18
CA GLY E 48 10.05 -39.02 12.07
C GLY E 48 11.42 -39.23 11.44
N LEU E 49 11.43 -39.43 10.13
CA LEU E 49 12.67 -39.64 9.37
C LEU E 49 13.14 -38.34 8.70
N ILE E 50 12.30 -37.80 7.81
CA ILE E 50 12.64 -36.60 7.03
C ILE E 50 11.64 -35.48 7.28
N GLY E 51 12.06 -34.24 7.04
CA GLY E 51 11.18 -33.09 7.13
C GLY E 51 11.82 -31.83 6.57
N GLY E 52 11.02 -31.02 5.89
CA GLY E 52 11.52 -29.86 5.18
C GLY E 52 12.18 -30.24 3.86
N THR E 53 11.64 -31.29 3.23
CA THR E 53 12.07 -31.78 1.91
C THR E 53 13.31 -32.68 1.91
N ASN E 54 14.21 -32.50 2.87
CA ASN E 54 15.47 -33.27 2.88
C ASN E 54 16.21 -33.43 4.23
N ASN E 55 15.84 -32.63 5.24
CA ASN E 55 16.58 -32.61 6.50
C ASN E 55 16.17 -33.75 7.43
N ARG E 56 17.10 -34.68 7.66
CA ARG E 56 16.85 -35.82 8.54
C ARG E 56 16.76 -35.40 10.01
N ALA E 57 16.15 -36.25 10.82
CA ALA E 57 16.09 -36.05 12.26
C ALA E 57 17.37 -36.61 12.89
N PRO E 58 17.67 -36.24 14.14
CA PRO E 58 18.84 -36.79 14.83
C PRO E 58 18.76 -38.30 15.05
N GLY E 59 19.75 -39.04 14.56
CA GLY E 59 19.83 -40.48 14.74
C GLY E 59 19.27 -41.31 13.60
N VAL E 60 18.62 -40.66 12.63
CA VAL E 60 18.04 -41.35 11.48
C VAL E 60 19.16 -41.80 10.54
N PRO E 61 19.13 -43.07 10.12
CA PRO E 61 20.10 -43.58 9.13
C PRO E 61 20.28 -42.67 7.91
N ALA E 62 21.51 -42.58 7.42
CA ALA E 62 21.85 -41.67 6.33
C ALA E 62 21.30 -42.12 4.96
N ARG E 63 20.93 -43.39 4.85
CA ARG E 63 20.36 -43.92 3.60
C ARG E 63 19.02 -43.29 3.24
N PHE E 64 18.24 -42.89 4.24
CA PHE E 64 16.98 -42.18 4.02
C PHE E 64 17.25 -40.75 3.56
N SER E 65 17.08 -40.49 2.27
CA SER E 65 17.33 -39.18 1.69
C SER E 65 16.06 -38.57 1.10
N GLY E 66 15.92 -37.26 1.21
CA GLY E 66 14.77 -36.54 0.70
C GLY E 66 15.12 -35.71 -0.53
N SER E 67 14.23 -35.71 -1.52
CA SER E 67 14.43 -34.95 -2.75
C SER E 67 13.11 -34.41 -3.31
N LEU E 68 13.18 -33.81 -4.50
CA LEU E 68 11.97 -33.36 -5.22
C LEU E 68 12.05 -33.80 -6.68
N ILE E 69 11.56 -35.01 -6.95
CA ILE E 69 11.59 -35.58 -8.28
C ILE E 69 10.34 -35.17 -9.06
N GLY E 70 10.50 -34.19 -9.95
CA GLY E 70 9.40 -33.72 -10.78
C GLY E 70 8.41 -32.87 -10.00
N ASN E 71 7.14 -33.30 -10.01
CA ASN E 71 6.07 -32.57 -9.33
C ASN E 71 5.67 -33.20 -7.99
N LYS E 72 6.53 -34.04 -7.43
CA LYS E 72 6.26 -34.71 -6.15
C LYS E 72 7.51 -34.86 -5.29
N ALA E 73 7.30 -34.90 -3.97
CA ALA E 73 8.37 -35.18 -3.01
C ALA E 73 8.67 -36.67 -2.99
N ALA E 74 9.89 -37.04 -2.57
CA ALA E 74 10.33 -38.43 -2.62
C ALA E 74 11.16 -38.86 -1.41
N LEU E 75 11.26 -40.17 -1.23
CA LEU E 75 12.05 -40.77 -0.15
C LEU E 75 12.80 -42.00 -0.68
N THR E 76 14.09 -41.82 -0.97
CA THR E 76 14.92 -42.88 -1.55
C THR E 76 15.66 -43.63 -0.45
N ILE E 77 15.45 -44.94 -0.37
CA ILE E 77 16.16 -45.81 0.56
C ILE E 77 17.26 -46.57 -0.18
N THR E 78 18.49 -46.07 -0.11
CA THR E 78 19.62 -46.71 -0.78
C THR E 78 20.22 -47.78 0.12
N GLY E 79 20.08 -49.04 -0.30
CA GLY E 79 20.49 -50.17 0.53
C GLY E 79 19.42 -50.46 1.56
N ALA E 80 18.34 -51.10 1.12
CA ALA E 80 17.18 -51.36 1.97
C ALA E 80 17.47 -52.49 2.94
N GLN E 81 17.21 -52.24 4.23
CA GLN E 81 17.41 -53.25 5.26
C GLN E 81 16.10 -54.00 5.51
N THR E 82 16.18 -55.10 6.27
CA THR E 82 15.00 -55.90 6.60
C THR E 82 14.13 -55.19 7.64
N GLU E 83 14.73 -54.35 8.46
CA GLU E 83 14.01 -53.58 9.48
C GLU E 83 13.20 -52.43 8.90
N ASP E 84 13.50 -52.03 7.66
CA ASP E 84 12.79 -50.94 6.98
C ASP E 84 11.34 -51.28 6.60
N GLU E 85 10.98 -52.56 6.64
CA GLU E 85 9.61 -53.00 6.35
C GLU E 85 8.60 -52.25 7.22
N ALA E 86 8.01 -51.20 6.66
CA ALA E 86 7.10 -50.33 7.40
C ALA E 86 6.28 -49.42 6.48
N ILE E 87 5.22 -48.81 7.04
CA ILE E 87 4.34 -47.91 6.29
C ILE E 87 4.89 -46.49 6.33
N TYR E 88 5.25 -45.96 5.16
CA TYR E 88 5.86 -44.63 5.07
C TYR E 88 4.82 -43.58 4.65
N PHE E 89 4.27 -42.88 5.64
CA PHE E 89 3.39 -41.74 5.38
C PHE E 89 4.22 -40.52 5.03
N CYS E 90 3.60 -39.57 4.31
CA CYS E 90 4.19 -38.24 4.11
C CYS E 90 3.21 -37.18 4.60
N ALA E 91 3.64 -35.92 4.60
CA ALA E 91 2.81 -34.83 5.12
C ALA E 91 3.23 -33.46 4.59
N LEU E 92 2.33 -32.84 3.89
CA LEU E 92 2.62 -31.56 3.23
C LEU E 92 1.86 -30.46 3.96
N TRP E 93 2.48 -29.30 4.03
CA TRP E 93 1.89 -28.12 4.65
C TRP E 93 1.17 -27.24 3.62
N TYR E 94 -0.01 -26.80 3.97
CA TYR E 94 -0.75 -25.80 3.19
C TYR E 94 -1.36 -24.82 4.18
N SER E 95 -1.01 -23.54 4.07
CA SER E 95 -1.56 -22.49 4.95
C SER E 95 -1.50 -22.87 6.42
N ASN E 96 -0.34 -23.35 6.87
CA ASN E 96 -0.11 -23.73 8.25
C ASN E 96 -1.00 -24.92 8.72
N HIS E 97 -1.43 -25.78 7.80
CA HIS E 97 -2.14 -27.00 8.15
C HIS E 97 -1.55 -28.15 7.36
N LEU E 98 -1.28 -29.18 8.10
CA LEU E 98 -0.69 -30.43 7.70
C LEU E 98 -1.66 -31.41 7.09
N VAL E 99 -1.28 -32.00 5.97
CA VAL E 99 -2.13 -32.99 5.37
C VAL E 99 -1.28 -34.22 5.09
N PHE E 100 -1.86 -35.47 5.94
CA PHE E 100 -1.19 -36.75 5.74
C PHE E 100 -1.70 -37.48 4.50
N GLY E 101 -0.91 -38.43 4.01
CA GLY E 101 -1.27 -39.27 2.89
C GLY E 101 -1.79 -40.62 3.34
N GLY E 102 -2.12 -41.48 2.39
CA GLY E 102 -2.64 -42.81 2.68
C GLY E 102 -1.61 -43.78 3.21
N GLY E 103 -0.34 -43.57 2.86
CA GLY E 103 0.75 -44.40 3.32
C GLY E 103 1.16 -45.43 2.29
N THR E 104 2.43 -45.86 2.36
CA THR E 104 2.99 -46.82 1.41
C THR E 104 3.58 -48.03 2.13
N LYS E 105 2.88 -49.17 2.04
CA LYS E 105 3.35 -50.41 2.65
C LYS E 105 4.56 -50.97 1.90
N LEU E 106 5.75 -50.66 2.40
CA LEU E 106 7.00 -51.19 1.86
C LEU E 106 7.24 -52.58 2.43
N THR E 107 7.42 -53.56 1.55
CA THR E 107 7.69 -54.94 1.94
C THR E 107 9.08 -55.33 1.46
N VAL E 108 9.93 -55.76 2.40
CA VAL E 108 11.29 -56.19 2.07
C VAL E 108 11.39 -57.71 2.15
N LEU E 109 11.81 -58.33 1.05
CA LEU E 109 11.89 -59.79 0.95
C LEU E 109 13.04 -60.34 1.78
N ALA F 2 7.88 29.65 -1.90
CA ALA F 2 8.74 29.86 -3.10
C ALA F 2 8.71 31.33 -3.53
N VAL F 3 9.79 31.75 -4.19
CA VAL F 3 9.93 33.13 -4.65
C VAL F 3 10.11 33.16 -6.18
N VAL F 4 9.11 33.67 -6.88
CA VAL F 4 9.16 33.82 -8.32
C VAL F 4 9.89 35.12 -8.68
N THR F 5 10.81 35.04 -9.63
CA THR F 5 11.67 36.15 -10.01
C THR F 5 11.50 36.52 -11.48
N GLN F 6 11.52 37.82 -11.78
CA GLN F 6 11.50 38.32 -13.15
C GLN F 6 12.51 39.45 -13.33
N GLU F 7 12.71 39.89 -14.57
CA GLU F 7 13.58 41.03 -14.85
C GLU F 7 12.89 42.31 -14.38
N SER F 8 13.69 43.27 -13.89
CA SER F 8 13.16 44.52 -13.36
C SER F 8 12.53 45.38 -14.45
N ALA F 9 13.25 45.54 -15.56
CA ALA F 9 12.76 46.32 -16.69
C ALA F 9 13.59 46.08 -17.95
N LEU F 10 12.91 45.80 -19.07
CA LEU F 10 13.56 45.59 -20.37
C LEU F 10 13.20 46.71 -21.34
N THR F 11 13.98 46.84 -22.40
CA THR F 11 13.72 47.84 -23.45
C THR F 11 13.70 47.19 -24.83
N THR F 12 12.79 47.68 -25.68
CA THR F 12 12.62 47.18 -27.04
C THR F 12 12.08 48.29 -27.96
N SER F 13 11.88 47.98 -29.23
CA SER F 13 11.31 48.93 -30.19
C SER F 13 10.15 48.29 -30.98
N PRO F 14 9.39 49.11 -31.72
CA PRO F 14 8.38 48.59 -32.64
C PRO F 14 8.96 47.66 -33.71
N GLY F 15 8.39 46.45 -33.82
CA GLY F 15 8.83 45.47 -34.81
C GLY F 15 9.80 44.43 -34.27
N GLU F 16 10.47 44.75 -33.17
CA GLU F 16 11.49 43.86 -32.58
C GLU F 16 10.88 42.70 -31.82
N THR F 17 11.71 41.71 -31.50
CA THR F 17 11.29 40.53 -30.75
C THR F 17 11.97 40.51 -29.38
N VAL F 18 11.16 40.74 -28.33
CA VAL F 18 11.65 40.73 -26.95
C VAL F 18 11.28 39.42 -26.26
N THR F 19 12.06 39.03 -25.25
CA THR F 19 11.78 37.82 -24.49
C THR F 19 11.89 38.07 -22.98
N LEU F 20 10.80 37.81 -22.28
CA LEU F 20 10.74 37.93 -20.82
C LEU F 20 10.89 36.53 -20.22
N THR F 21 11.42 36.44 -18.99
CA THR F 21 11.62 35.17 -18.31
C THR F 21 10.94 35.13 -16.95
N CYS F 22 10.92 33.96 -16.33
CA CYS F 22 10.21 33.75 -15.06
C CYS F 22 10.82 32.57 -14.29
N ARG F 23 11.90 32.87 -13.57
CA ARG F 23 12.64 31.86 -12.78
C ARG F 23 11.86 31.42 -11.55
N SER F 24 12.16 30.22 -11.05
CA SER F 24 11.65 29.73 -9.78
C SER F 24 12.81 29.39 -8.84
N SER F 25 12.64 29.67 -7.55
CA SER F 25 13.70 29.46 -6.56
C SER F 25 13.85 27.99 -6.18
N THR F 26 12.75 27.24 -6.19
CA THR F 26 12.75 25.83 -5.81
C THR F 26 13.63 24.99 -6.75
N GLY F 27 13.48 25.21 -8.05
CA GLY F 27 14.26 24.50 -9.04
C GLY F 27 14.00 25.03 -10.44
N ALA F 28 13.58 24.13 -11.34
CA ALA F 28 13.23 24.50 -12.71
C ALA F 28 11.72 24.58 -12.86
N VAL F 29 11.27 25.41 -13.81
CA VAL F 29 9.85 25.56 -14.10
C VAL F 29 9.43 24.45 -15.06
N THR F 30 8.37 23.74 -14.71
CA THR F 30 7.92 22.58 -15.48
C THR F 30 6.49 22.78 -15.97
N THR F 31 5.92 21.73 -16.57
CA THR F 31 4.53 21.75 -17.02
C THR F 31 3.56 21.73 -15.82
N SER F 32 4.03 21.21 -14.68
CA SER F 32 3.25 21.19 -13.45
C SER F 32 3.01 22.58 -12.88
N ASN F 33 3.94 23.50 -13.12
CA ASN F 33 3.83 24.87 -12.61
C ASN F 33 2.77 25.72 -13.32
N TYR F 34 2.44 25.38 -14.56
CA TYR F 34 1.40 26.11 -15.32
C TYR F 34 1.67 27.61 -15.35
N ALA F 35 2.71 28.01 -16.08
CA ALA F 35 3.16 29.40 -16.10
C ALA F 35 2.13 30.36 -16.70
N ASN F 36 1.70 31.34 -15.89
CA ASN F 36 0.74 32.36 -16.32
C ASN F 36 1.45 33.67 -16.60
N TRP F 37 0.78 34.57 -17.31
CA TRP F 37 1.35 35.87 -17.69
C TRP F 37 0.27 36.94 -17.79
N VAL F 38 0.12 37.74 -16.74
CA VAL F 38 -0.85 38.84 -16.72
C VAL F 38 -0.19 40.12 -17.23
N GLN F 39 -1.00 41.00 -17.82
CA GLN F 39 -0.54 42.27 -18.40
C GLN F 39 -1.25 43.45 -17.74
N GLU F 40 -0.48 44.44 -17.31
CA GLU F 40 -1.02 45.61 -16.61
C GLU F 40 -0.72 46.89 -17.38
N LYS F 41 -1.65 47.27 -18.26
CA LYS F 41 -1.54 48.53 -19.01
C LYS F 41 -1.82 49.69 -18.05
N PRO F 42 -1.41 50.91 -18.41
CA PRO F 42 -1.63 52.09 -17.56
C PRO F 42 -3.05 52.24 -16.99
N ASP F 43 -3.15 52.83 -15.80
CA ASP F 43 -4.41 53.03 -15.08
C ASP F 43 -5.05 51.72 -14.59
N HIS F 44 -4.21 50.74 -14.24
CA HIS F 44 -4.66 49.48 -13.65
C HIS F 44 -5.67 48.72 -14.51
N LEU F 45 -5.26 48.37 -15.72
CA LEU F 45 -6.07 47.59 -16.64
C LEU F 45 -5.45 46.20 -16.81
N PHE F 46 -5.89 45.25 -15.98
CA PHE F 46 -5.34 43.90 -15.99
C PHE F 46 -6.06 43.01 -17.00
N THR F 47 -5.33 42.04 -17.56
CA THR F 47 -5.90 41.06 -18.48
C THR F 47 -4.96 39.86 -18.68
N GLY F 48 -5.50 38.65 -18.52
CA GLY F 48 -4.71 37.44 -18.67
C GLY F 48 -4.38 37.12 -20.12
N LEU F 49 -3.09 37.00 -20.41
CA LEU F 49 -2.60 36.67 -21.74
C LEU F 49 -2.38 35.18 -21.91
N ILE F 50 -1.48 34.61 -21.12
CA ILE F 50 -1.08 33.21 -21.23
C ILE F 50 -1.37 32.46 -19.91
N GLY F 51 -1.48 31.14 -20.01
CA GLY F 51 -1.63 30.29 -18.84
C GLY F 51 -1.55 28.82 -19.17
N GLY F 52 -0.90 28.05 -18.30
CA GLY F 52 -0.62 26.65 -18.57
C GLY F 52 0.57 26.48 -19.51
N THR F 53 1.53 27.40 -19.39
CA THR F 53 2.80 27.39 -20.12
C THR F 53 2.74 27.95 -21.55
N ASN F 54 1.61 27.80 -22.24
CA ASN F 54 1.52 28.21 -23.65
C ASN F 54 0.11 28.56 -24.21
N ASN F 55 -0.94 28.35 -23.42
CA ASN F 55 -2.31 28.49 -23.93
C ASN F 55 -2.87 29.91 -23.73
N ARG F 56 -3.08 30.62 -24.83
CA ARG F 56 -3.62 31.98 -24.79
C ARG F 56 -5.08 32.01 -24.36
N ALA F 57 -5.52 33.16 -23.88
CA ALA F 57 -6.92 33.37 -23.54
C ALA F 57 -7.67 33.76 -24.81
N PRO F 58 -9.00 33.69 -24.81
CA PRO F 58 -9.79 34.11 -25.97
C PRO F 58 -9.65 35.61 -26.28
N GLY F 59 -9.23 35.93 -27.51
CA GLY F 59 -9.09 37.31 -27.95
C GLY F 59 -7.70 37.89 -27.83
N VAL F 60 -6.78 37.17 -27.19
CA VAL F 60 -5.40 37.61 -27.01
C VAL F 60 -4.65 37.51 -28.34
N PRO F 61 -3.96 38.57 -28.75
CA PRO F 61 -3.13 38.55 -29.95
C PRO F 61 -2.22 37.32 -30.06
N ALA F 62 -2.05 36.81 -31.28
CA ALA F 62 -1.29 35.58 -31.51
C ALA F 62 0.22 35.73 -31.34
N ARG F 63 0.71 36.97 -31.34
CA ARG F 63 2.13 37.24 -31.16
C ARG F 63 2.64 36.86 -29.76
N PHE F 64 1.77 36.96 -28.76
CA PHE F 64 2.09 36.53 -27.39
C PHE F 64 2.15 35.00 -27.32
N SER F 65 3.36 34.45 -27.28
CA SER F 65 3.55 32.99 -27.24
C SER F 65 4.24 32.57 -25.95
N GLY F 66 3.85 31.42 -25.41
CA GLY F 66 4.44 30.88 -24.21
C GLY F 66 5.32 29.67 -24.49
N SER F 67 6.45 29.59 -23.81
CA SER F 67 7.40 28.48 -23.98
C SER F 67 8.10 28.13 -22.66
N LEU F 68 9.07 27.21 -22.73
CA LEU F 68 9.91 26.87 -21.59
C LEU F 68 11.38 26.86 -22.01
N ILE F 69 12.03 28.02 -21.92
CA ILE F 69 13.43 28.17 -22.32
C ILE F 69 14.34 27.85 -21.13
N GLY F 70 14.91 26.65 -21.14
CA GLY F 70 15.83 26.23 -20.10
C GLY F 70 15.12 25.90 -18.79
N ASN F 71 15.53 26.56 -17.71
CA ASN F 71 14.95 26.34 -16.39
C ASN F 71 13.92 27.40 -15.99
N LYS F 72 13.40 28.14 -16.96
CA LYS F 72 12.40 29.18 -16.69
C LYS F 72 11.33 29.28 -17.79
N ALA F 73 10.14 29.74 -17.40
CA ALA F 73 9.06 30.02 -18.35
C ALA F 73 9.34 31.33 -19.08
N ALA F 74 8.71 31.51 -20.24
CA ALA F 74 8.99 32.69 -21.07
C ALA F 74 7.75 33.25 -21.78
N LEU F 75 7.87 34.49 -22.24
CA LEU F 75 6.81 35.18 -22.98
C LEU F 75 7.43 36.00 -24.11
N THR F 76 7.37 35.46 -25.32
CA THR F 76 7.98 36.08 -26.49
C THR F 76 6.97 36.92 -27.27
N ILE F 77 7.22 38.22 -27.38
CA ILE F 77 6.39 39.13 -28.16
C ILE F 77 7.04 39.36 -29.52
N THR F 78 6.56 38.64 -30.55
CA THR F 78 7.09 38.77 -31.90
C THR F 78 6.36 39.89 -32.64
N GLY F 79 7.07 40.98 -32.92
CA GLY F 79 6.47 42.17 -33.50
C GLY F 79 5.79 42.99 -32.41
N ALA F 80 6.59 43.70 -31.63
CA ALA F 80 6.11 44.45 -30.47
C ALA F 80 5.38 45.71 -30.92
N GLN F 81 4.16 45.90 -30.42
CA GLN F 81 3.36 47.08 -30.73
C GLN F 81 3.60 48.15 -29.67
N THR F 82 3.12 49.36 -29.93
CA THR F 82 3.25 50.47 -28.99
C THR F 82 2.30 50.31 -27.80
N GLU F 83 1.19 49.63 -28.02
CA GLU F 83 0.21 49.36 -26.96
C GLU F 83 0.68 48.32 -25.94
N ASP F 84 1.69 47.53 -26.31
CA ASP F 84 2.23 46.48 -25.43
C ASP F 84 3.00 47.02 -24.22
N GLU F 85 3.33 48.32 -24.22
CA GLU F 85 4.01 48.95 -23.10
C GLU F 85 3.24 48.74 -21.80
N ALA F 86 3.67 47.74 -21.02
CA ALA F 86 2.96 47.35 -19.79
C ALA F 86 3.81 46.44 -18.91
N ILE F 87 3.38 46.28 -17.65
CA ILE F 87 4.08 45.43 -16.69
C ILE F 87 3.59 43.98 -16.79
N TYR F 88 4.49 43.08 -17.18
CA TYR F 88 4.16 41.68 -17.39
C TYR F 88 4.53 40.82 -16.18
N PHE F 89 3.55 40.58 -15.31
CA PHE F 89 3.73 39.65 -14.19
C PHE F 89 3.62 38.23 -14.69
N CYS F 90 4.20 37.29 -13.94
CA CYS F 90 3.96 35.86 -14.15
C CYS F 90 3.46 35.22 -12.86
N ALA F 91 3.08 33.95 -12.90
CA ALA F 91 2.52 33.27 -11.73
C ALA F 91 2.62 31.75 -11.82
N LEU F 92 3.35 31.19 -10.90
CA LEU F 92 3.60 29.75 -10.92
C LEU F 92 2.84 29.10 -9.77
N TRP F 93 2.35 27.89 -10.03
CA TRP F 93 1.64 27.10 -9.04
C TRP F 93 2.56 26.16 -8.27
N TYR F 94 2.40 26.12 -6.97
CA TYR F 94 3.06 25.14 -6.11
C TYR F 94 2.04 24.65 -5.10
N SER F 95 1.76 23.34 -5.09
CA SER F 95 0.82 22.75 -4.13
C SER F 95 -0.51 23.50 -4.07
N ASN F 96 -1.06 23.81 -5.25
CA ASN F 96 -2.35 24.49 -5.34
C ASN F 96 -2.32 25.94 -4.78
N HIS F 97 -1.15 26.57 -4.76
CA HIS F 97 -1.05 27.97 -4.37
C HIS F 97 -0.15 28.69 -5.37
N LEU F 98 -0.68 29.80 -5.80
CA LEU F 98 -0.15 30.70 -6.76
C LEU F 98 0.87 31.68 -6.22
N VAL F 99 1.98 31.82 -6.92
CA VAL F 99 2.97 32.77 -6.49
C VAL F 99 3.31 33.63 -7.69
N PHE F 100 2.94 35.17 -7.36
CA PHE F 100 3.27 36.15 -8.39
C PHE F 100 4.72 36.60 -8.30
N GLY F 101 5.23 37.16 -9.39
CA GLY F 101 6.57 37.72 -9.45
C GLY F 101 6.55 39.23 -9.26
N GLY F 102 7.73 39.85 -9.36
CA GLY F 102 7.87 41.28 -9.19
C GLY F 102 7.35 42.10 -10.37
N GLY F 103 7.35 41.50 -11.55
CA GLY F 103 6.87 42.15 -12.75
C GLY F 103 7.99 42.72 -13.59
N THR F 104 7.74 42.87 -14.89
CA THR F 104 8.74 43.35 -15.85
C THR F 104 8.21 44.55 -16.65
N LYS F 105 8.71 45.74 -16.32
CA LYS F 105 8.32 46.97 -17.02
C LYS F 105 8.90 46.99 -18.44
N LEU F 106 8.09 46.57 -19.40
CA LEU F 106 8.44 46.62 -20.82
C LEU F 106 8.17 48.02 -21.36
N THR F 107 9.19 48.64 -21.93
CA THR F 107 9.08 49.98 -22.53
C THR F 107 9.30 49.87 -24.03
N VAL F 108 8.34 50.37 -24.81
CA VAL F 108 8.43 50.35 -26.26
C VAL F 108 8.69 51.77 -26.78
N LEU F 109 9.79 51.93 -27.52
CA LEU F 109 10.20 53.24 -28.04
C LEU F 109 9.31 53.67 -29.19
#